data_5DSA
# 
_entry.id   5DSA 
# 
_audit_conform.dict_name       mmcif_pdbx.dic 
_audit_conform.dict_version    5.379 
_audit_conform.dict_location   http://mmcif.pdb.org/dictionaries/ascii/mmcif_pdbx.dic 
# 
loop_
_database_2.database_id 
_database_2.database_code 
_database_2.pdbx_database_accession 
_database_2.pdbx_DOI 
PDB   5DSA         pdb_00005dsa 10.2210/pdb5dsa/pdb 
WWPDB D_1000213699 ?            ?                   
# 
_pdbx_database_status.status_code                     REL 
_pdbx_database_status.status_code_sf                  REL 
_pdbx_database_status.status_code_mr                  ? 
_pdbx_database_status.entry_id                        5DSA 
_pdbx_database_status.recvd_initial_deposition_date   2015-09-17 
_pdbx_database_status.SG_entry                        N 
_pdbx_database_status.deposit_site                    RCSB 
_pdbx_database_status.process_site                    RCSB 
_pdbx_database_status.status_code_cs                  ? 
_pdbx_database_status.methods_development_category    ? 
_pdbx_database_status.pdb_format_compatible           Y 
_pdbx_database_status.status_code_nmr_data            ? 
# 
loop_
_audit_author.name 
_audit_author.pdbx_ordinal 
'Vander Zanden, C.M.' 1 
'Ho, P.S.'            2 
# 
_citation.abstract                  ? 
_citation.abstract_id_CAS           ? 
_citation.book_id_ISBN              ? 
_citation.book_publisher            ? 
_citation.book_publisher_city       ? 
_citation.book_title                ? 
_citation.coordinate_linkage        ? 
_citation.country                   US 
_citation.database_id_Medline       ? 
_citation.details                   ? 
_citation.id                        primary 
_citation.journal_abbrev            Biochemistry 
_citation.journal_id_ASTM           BICHAW 
_citation.journal_id_CSD            0033 
_citation.journal_id_ISSN           1520-4995 
_citation.journal_full              ? 
_citation.journal_issue             ? 
_citation.journal_volume            55 
_citation.language                  ? 
_citation.page_first                5781 
_citation.page_last                 5789 
_citation.title                     'Effect of Hydroxymethylcytosine on the Structure and Stability of Holliday Junctions.' 
_citation.year                      2016 
_citation.database_id_CSD           ? 
_citation.pdbx_database_id_DOI      10.1021/acs.biochem.6b00801 
_citation.pdbx_database_id_PubMed   27653243 
_citation.unpublished_flag          ? 
# 
loop_
_citation_author.citation_id 
_citation_author.name 
_citation_author.ordinal 
_citation_author.identifier_ORCID 
primary 'Vander Zanden, C.M.' 1 ? 
primary 'Rowe, R.K.'          2 ? 
primary 'Broad, A.J.'         3 ? 
primary 'Robertson, A.B.'     4 ? 
primary 'Ho, P.S.'            5 ? 
# 
_cell.angle_alpha                  90.000 
_cell.angle_alpha_esd              ? 
_cell.angle_beta                   111.980 
_cell.angle_beta_esd               ? 
_cell.angle_gamma                  90.000 
_cell.angle_gamma_esd              ? 
_cell.entry_id                     5DSA 
_cell.details                      ? 
_cell.formula_units_Z              ? 
_cell.length_a                     65.968 
_cell.length_a_esd                 ? 
_cell.length_b                     24.542 
_cell.length_b_esd                 ? 
_cell.length_c                     37.992 
_cell.length_c_esd                 ? 
_cell.volume                       ? 
_cell.volume_esd                   ? 
_cell.Z_PDB                        8 
_cell.reciprocal_angle_alpha       ? 
_cell.reciprocal_angle_beta        ? 
_cell.reciprocal_angle_gamma       ? 
_cell.reciprocal_angle_alpha_esd   ? 
_cell.reciprocal_angle_beta_esd    ? 
_cell.reciprocal_angle_gamma_esd   ? 
_cell.reciprocal_length_a          ? 
_cell.reciprocal_length_b          ? 
_cell.reciprocal_length_c          ? 
_cell.reciprocal_length_a_esd      ? 
_cell.reciprocal_length_b_esd      ? 
_cell.reciprocal_length_c_esd      ? 
_cell.pdbx_unique_axis             ? 
# 
_symmetry.entry_id                         5DSA 
_symmetry.cell_setting                     ? 
_symmetry.Int_Tables_number                5 
_symmetry.space_group_name_Hall            ? 
_symmetry.space_group_name_H-M             'C 1 2 1' 
_symmetry.pdbx_full_space_group_name_H-M   ? 
# 
loop_
_entity.id 
_entity.type 
_entity.src_method 
_entity.pdbx_description 
_entity.formula_weight 
_entity.pdbx_number_of_molecules 
_entity.pdbx_ec 
_entity.pdbx_mutation 
_entity.pdbx_fragment 
_entity.details 
1 polymer     syn "5'-D(*CP*CP*GP*GP*CP*GP*5CMP*CP*GP*G)-3'" 3061.008 2  ? ? ? ? 
2 non-polymer syn 'CALCIUM ION'                              40.078   2  ? ? ? ? 
3 water       nat water                                      18.015   87 ? ? ? ? 
# 
_entity_poly.entity_id                      1 
_entity_poly.type                           polydeoxyribonucleotide 
_entity_poly.nstd_linkage                   no 
_entity_poly.nstd_monomer                   yes 
_entity_poly.pdbx_seq_one_letter_code       '(DC)(DC)(DG)(DG)(DC)(DG)(5CM)(DC)(DG)(DG)' 
_entity_poly.pdbx_seq_one_letter_code_can   CCGGCGCCGG 
_entity_poly.pdbx_strand_id                 A,B 
_entity_poly.pdbx_target_identifier         ? 
# 
loop_
_entity_poly_seq.entity_id 
_entity_poly_seq.num 
_entity_poly_seq.mon_id 
_entity_poly_seq.hetero 
1 1  DC  n 
1 2  DC  n 
1 3  DG  n 
1 4  DG  n 
1 5  DC  n 
1 6  DG  n 
1 7  5CM n 
1 8  DC  n 
1 9  DG  n 
1 10 DG  n 
# 
_pdbx_entity_src_syn.entity_id              1 
_pdbx_entity_src_syn.pdbx_src_id            1 
_pdbx_entity_src_syn.pdbx_alt_source_flag   sample 
_pdbx_entity_src_syn.pdbx_beg_seq_num       1 
_pdbx_entity_src_syn.pdbx_end_seq_num       10 
_pdbx_entity_src_syn.organism_scientific    'synthetic construct' 
_pdbx_entity_src_syn.organism_common_name   ? 
_pdbx_entity_src_syn.ncbi_taxonomy_id       32630 
_pdbx_entity_src_syn.details                synthetic 
# 
_struct_ref.id                         1 
_struct_ref.db_name                    PDB 
_struct_ref.db_code                    5DSA 
_struct_ref.pdbx_db_accession          5DSA 
_struct_ref.pdbx_db_isoform            ? 
_struct_ref.entity_id                  1 
_struct_ref.pdbx_seq_one_letter_code   ? 
_struct_ref.pdbx_align_begin           1 
# 
loop_
_struct_ref_seq.align_id 
_struct_ref_seq.ref_id 
_struct_ref_seq.pdbx_PDB_id_code 
_struct_ref_seq.pdbx_strand_id 
_struct_ref_seq.seq_align_beg 
_struct_ref_seq.pdbx_seq_align_beg_ins_code 
_struct_ref_seq.seq_align_end 
_struct_ref_seq.pdbx_seq_align_end_ins_code 
_struct_ref_seq.pdbx_db_accession 
_struct_ref_seq.db_align_beg 
_struct_ref_seq.pdbx_db_align_beg_ins_code 
_struct_ref_seq.db_align_end 
_struct_ref_seq.pdbx_db_align_end_ins_code 
_struct_ref_seq.pdbx_auth_seq_align_beg 
_struct_ref_seq.pdbx_auth_seq_align_end 
1 1 5DSA A 1 ? 10 ? 5DSA 1  ? 10 ? 1  10 
2 1 5DSA B 1 ? 10 ? 5DSA 11 ? 20 ? 11 20 
# 
loop_
_chem_comp.id 
_chem_comp.type 
_chem_comp.mon_nstd_flag 
_chem_comp.name 
_chem_comp.pdbx_synonyms 
_chem_comp.formula 
_chem_comp.formula_weight 
5CM 'DNA linking' n "5-METHYL-2'-DEOXY-CYTIDINE-5'-MONOPHOSPHATE" ? 'C10 H16 N3 O7 P' 321.224 
CA  non-polymer   . 'CALCIUM ION'                                 ? 'Ca 2'            40.078  
DC  'DNA linking' y "2'-DEOXYCYTIDINE-5'-MONOPHOSPHATE"           ? 'C9 H14 N3 O7 P'  307.197 
DG  'DNA linking' y "2'-DEOXYGUANOSINE-5'-MONOPHOSPHATE"          ? 'C10 H14 N5 O7 P' 347.221 
HOH non-polymer   . WATER                                         ? 'H2 O'            18.015  
# 
_exptl.absorpt_coefficient_mu     ? 
_exptl.absorpt_correction_T_max   ? 
_exptl.absorpt_correction_T_min   ? 
_exptl.absorpt_correction_type    ? 
_exptl.absorpt_process_details    ? 
_exptl.entry_id                   5DSA 
_exptl.crystals_number            1 
_exptl.details                    ? 
_exptl.method                     'X-RAY DIFFRACTION' 
_exptl.method_details             ? 
# 
_exptl_crystal.colour                      ? 
_exptl_crystal.density_diffrn              ? 
_exptl_crystal.density_Matthews            2.33 
_exptl_crystal.density_method              ? 
_exptl_crystal.density_percent_sol         47.19 
_exptl_crystal.description                 ? 
_exptl_crystal.F_000                       ? 
_exptl_crystal.id                          1 
_exptl_crystal.preparation                 ? 
_exptl_crystal.size_max                    ? 
_exptl_crystal.size_mid                    ? 
_exptl_crystal.size_min                    ? 
_exptl_crystal.size_rad                    ? 
_exptl_crystal.colour_lustre               ? 
_exptl_crystal.colour_modifier             ? 
_exptl_crystal.colour_primary              ? 
_exptl_crystal.density_meas                ? 
_exptl_crystal.density_meas_esd            ? 
_exptl_crystal.density_meas_gt             ? 
_exptl_crystal.density_meas_lt             ? 
_exptl_crystal.density_meas_temp           ? 
_exptl_crystal.density_meas_temp_esd       ? 
_exptl_crystal.density_meas_temp_gt        ? 
_exptl_crystal.density_meas_temp_lt        ? 
_exptl_crystal.pdbx_crystal_image_url      ? 
_exptl_crystal.pdbx_crystal_image_format   ? 
_exptl_crystal.pdbx_mosaicity              ? 
_exptl_crystal.pdbx_mosaicity_esd          ? 
# 
_exptl_crystal_grow.apparatus       ? 
_exptl_crystal_grow.atmosphere      ? 
_exptl_crystal_grow.crystal_id      1 
_exptl_crystal_grow.details         ? 
_exptl_crystal_grow.method          'VAPOR DIFFUSION, HANGING DROP' 
_exptl_crystal_grow.method_ref      ? 
_exptl_crystal_grow.pH              7.0 
_exptl_crystal_grow.pressure        ? 
_exptl_crystal_grow.pressure_esd    ? 
_exptl_crystal_grow.seeding         ? 
_exptl_crystal_grow.seeding_ref     ? 
_exptl_crystal_grow.temp            292 
_exptl_crystal_grow.temp_details    ? 
_exptl_crystal_grow.temp_esd        ? 
_exptl_crystal_grow.time            ? 
_exptl_crystal_grow.pdbx_details    '0.78 mM DNA, 1.0 mM Spermine, 3.5 mM CaCl2, 25 mM sodium cacodylate' 
_exptl_crystal_grow.pdbx_pH_range   ? 
# 
_diffrn.ambient_environment    ? 
_diffrn.ambient_temp           100 
_diffrn.ambient_temp_details   ? 
_diffrn.ambient_temp_esd       ? 
_diffrn.crystal_id             1 
_diffrn.crystal_support        ? 
_diffrn.crystal_treatment      ? 
_diffrn.details                ? 
_diffrn.id                     1 
_diffrn.ambient_pressure       ? 
_diffrn.ambient_pressure_esd   ? 
_diffrn.ambient_pressure_gt    ? 
_diffrn.ambient_pressure_lt    ? 
_diffrn.ambient_temp_gt        ? 
_diffrn.ambient_temp_lt        ? 
# 
_diffrn_detector.details                      ? 
_diffrn_detector.detector                     PIXEL 
_diffrn_detector.diffrn_id                    1 
_diffrn_detector.type                         'DECTRIS PILATUS 200K' 
_diffrn_detector.area_resol_mean              ? 
_diffrn_detector.dtime                        ? 
_diffrn_detector.pdbx_frames_total            ? 
_diffrn_detector.pdbx_collection_time_total   ? 
_diffrn_detector.pdbx_collection_date         2014-10-08 
# 
_diffrn_radiation.collimation                      ? 
_diffrn_radiation.diffrn_id                        1 
_diffrn_radiation.filter_edge                      ? 
_diffrn_radiation.inhomogeneity                    ? 
_diffrn_radiation.monochromator                    'Rigaku collimator' 
_diffrn_radiation.polarisn_norm                    ? 
_diffrn_radiation.polarisn_ratio                   ? 
_diffrn_radiation.probe                            ? 
_diffrn_radiation.type                             ? 
_diffrn_radiation.xray_symbol                      ? 
_diffrn_radiation.wavelength_id                    1 
_diffrn_radiation.pdbx_monochromatic_or_laue_m_l   M 
_diffrn_radiation.pdbx_wavelength_list             ? 
_diffrn_radiation.pdbx_wavelength                  ? 
_diffrn_radiation.pdbx_diffrn_protocol             'SINGLE WAVELENGTH' 
_diffrn_radiation.pdbx_analyzer                    ? 
_diffrn_radiation.pdbx_scattering_type             x-ray 
# 
_diffrn_radiation_wavelength.id           1 
_diffrn_radiation_wavelength.wavelength   1.54 
_diffrn_radiation_wavelength.wt           1.0 
# 
_diffrn_source.current                     ? 
_diffrn_source.details                     ? 
_diffrn_source.diffrn_id                   1 
_diffrn_source.power                       ? 
_diffrn_source.size                        ? 
_diffrn_source.source                      'ROTATING ANODE' 
_diffrn_source.target                      ? 
_diffrn_source.type                        'RIGAKU MICROMAX-003' 
_diffrn_source.voltage                     ? 
_diffrn_source.take-off_angle              ? 
_diffrn_source.pdbx_wavelength_list        1.54 
_diffrn_source.pdbx_wavelength             ? 
_diffrn_source.pdbx_synchrotron_beamline   ? 
_diffrn_source.pdbx_synchrotron_site       ? 
# 
_reflns.B_iso_Wilson_estimate            ? 
_reflns.entry_id                         5DSA 
_reflns.data_reduction_details           ? 
_reflns.data_reduction_method            ? 
_reflns.d_resolution_high                1.680 
_reflns.d_resolution_low                 50.000 
_reflns.details                          ? 
_reflns.limit_h_max                      ? 
_reflns.limit_h_min                      ? 
_reflns.limit_k_max                      ? 
_reflns.limit_k_min                      ? 
_reflns.limit_l_max                      ? 
_reflns.limit_l_min                      ? 
_reflns.number_all                       ? 
_reflns.number_obs                       6159 
_reflns.observed_criterion               ? 
_reflns.observed_criterion_F_max         ? 
_reflns.observed_criterion_F_min         ? 
_reflns.observed_criterion_I_max         ? 
_reflns.observed_criterion_I_min         ? 
_reflns.observed_criterion_sigma_F       ? 
_reflns.observed_criterion_sigma_I       ? 
_reflns.percent_possible_obs             91.800 
_reflns.R_free_details                   ? 
_reflns.Rmerge_F_all                     ? 
_reflns.Rmerge_F_obs                     ? 
_reflns.Friedel_coverage                 ? 
_reflns.number_gt                        ? 
_reflns.threshold_expression             ? 
_reflns.pdbx_redundancy                  6.000 
_reflns.pdbx_Rmerge_I_obs                0.068 
_reflns.pdbx_Rmerge_I_all                ? 
_reflns.pdbx_Rsym_value                  ? 
_reflns.pdbx_netI_over_av_sigmaI         51.000 
_reflns.pdbx_netI_over_sigmaI            20.700 
_reflns.pdbx_res_netI_over_av_sigmaI_2   ? 
_reflns.pdbx_res_netI_over_sigmaI_2      ? 
_reflns.pdbx_chi_squared                 3.208 
_reflns.pdbx_scaling_rejects             ? 
_reflns.pdbx_d_res_high_opt              ? 
_reflns.pdbx_d_res_low_opt               ? 
_reflns.pdbx_d_res_opt_method            ? 
_reflns.phase_calculation_details        ? 
_reflns.pdbx_Rrim_I_all                  0.072 
_reflns.pdbx_Rpim_I_all                  0.023 
_reflns.pdbx_d_opt                       ? 
_reflns.pdbx_number_measured_all         36747 
_reflns.pdbx_diffrn_id                   1 
_reflns.pdbx_ordinal                     1 
_reflns.pdbx_CC_half                     ? 
_reflns.pdbx_R_split                     ? 
# 
loop_
_reflns_shell.d_res_high 
_reflns_shell.d_res_low 
_reflns_shell.meanI_over_sigI_all 
_reflns_shell.meanI_over_sigI_obs 
_reflns_shell.number_measured_all 
_reflns_shell.number_measured_obs 
_reflns_shell.number_possible 
_reflns_shell.number_unique_all 
_reflns_shell.number_unique_obs 
_reflns_shell.percent_possible_all 
_reflns_shell.percent_possible_obs 
_reflns_shell.Rmerge_F_all 
_reflns_shell.Rmerge_F_obs 
_reflns_shell.Rmerge_I_all 
_reflns_shell.Rmerge_I_obs 
_reflns_shell.meanI_over_sigI_gt 
_reflns_shell.meanI_over_uI_all 
_reflns_shell.meanI_over_uI_gt 
_reflns_shell.number_measured_gt 
_reflns_shell.number_unique_gt 
_reflns_shell.percent_possible_gt 
_reflns_shell.Rmerge_F_gt 
_reflns_shell.Rmerge_I_gt 
_reflns_shell.pdbx_redundancy 
_reflns_shell.pdbx_Rsym_value 
_reflns_shell.pdbx_chi_squared 
_reflns_shell.pdbx_netI_over_sigmaI_all 
_reflns_shell.pdbx_netI_over_sigmaI_obs 
_reflns_shell.pdbx_Rrim_I_all 
_reflns_shell.pdbx_Rpim_I_all 
_reflns_shell.pdbx_rejects 
_reflns_shell.pdbx_ordinal 
_reflns_shell.pdbx_diffrn_id 
_reflns_shell.pdbx_CC_half 
_reflns_shell.pdbx_R_split 
1.680 1.710  ? ? ? ? ? 72  ? 23.200  ? ? ? ? 0.245 ? ? ? ? ? ? ? ? 2.100  ? 1.342 ? ? 0.302 0.173 0 1  1 0.952 ? 
1.710 1.740  ? ? ? ? ? 273 ? 79.600  ? ? ? ? 0.205 ? ? ? ? ? ? ? ? 2.300  ? 2.378 ? ? 0.253 0.145 0 2  1 0.975 ? 
1.740 1.770  ? ? ? ? ? 285 ? 85.300  ? ? ? ? 0.181 ? ? ? ? ? ? ? ? 2.600  ? 2.051 ? ? 0.219 0.121 0 3  1 0.988 ? 
1.770 1.810  ? ? ? ? ? 271 ? 86.900  ? ? ? ? 0.227 ? ? ? ? ? ? ? ? 3.000  ? 1.831 ? ? 0.270 0.143 0 4  1 0.955 ? 
1.810 1.850  ? ? ? ? ? 301 ? 88.800  ? ? ? ? 0.250 ? ? ? ? ? ? ? ? 3.100  ? 1.741 ? ? 0.298 0.159 0 5  1 0.956 ? 
1.850 1.890  ? ? ? ? ? 315 ? 90.800  ? ? ? ? 0.287 ? ? ? ? ? ? ? ? 3.200  ? 1.945 ? ? 0.340 0.178 0 6  1 0.948 ? 
1.890 1.940  ? ? ? ? ? 295 ? 91.900  ? ? ? ? 0.194 ? ? ? ? ? ? ? ? 3.300  ? 3.225 ? ? 0.227 0.116 0 7  1 0.953 ? 
1.940 1.990  ? ? ? ? ? 312 ? 94.300  ? ? ? ? 0.200 ? ? ? ? ? ? ? ? 3.400  ? 2.025 ? ? 0.235 0.121 0 8  1 0.967 ? 
1.990 2.050  ? ? ? ? ? 324 ? 95.000  ? ? ? ? 0.143 ? ? ? ? ? ? ? ? 3.500  ? 1.834 ? ? 0.167 0.085 0 9  1 0.976 ? 
2.050 2.120  ? ? ? ? ? 312 ? 96.300  ? ? ? ? 0.121 ? ? ? ? ? ? ? ? 3.600  ? 1.620 ? ? 0.142 0.072 0 10 1 0.984 ? 
2.120 2.190  ? ? ? ? ? 330 ? 97.900  ? ? ? ? 0.111 ? ? ? ? ? ? ? ? 3.800  ? 1.793 ? ? 0.128 0.062 0 11 1 0.988 ? 
2.190 2.280  ? ? ? ? ? 333 ? 99.700  ? ? ? ? 0.158 ? ? ? ? ? ? ? ? 4.200  ? 5.010 ? ? 0.177 0.077 0 12 1 0.982 ? 
2.280 2.380  ? ? ? ? ? 335 ? 100.000 ? ? ? ? 0.165 ? ? ? ? ? ? ? ? 6.400  ? 3.160 ? ? 0.179 0.068 0 13 1 0.993 ? 
2.380 2.510  ? ? ? ? ? 342 ? 100.000 ? ? ? ? 0.150 ? ? ? ? ? ? ? ? 7.700  ? 3.018 ? ? 0.160 0.055 0 14 1 0.994 ? 
2.510 2.670  ? ? ? ? ? 329 ? 100.000 ? ? ? ? 0.120 ? ? ? ? ? ? ? ? 8.500  ? 2.836 ? ? 0.127 0.042 0 15 1 0.995 ? 
2.670 2.870  ? ? ? ? ? 339 ? 100.000 ? ? ? ? 0.098 ? ? ? ? ? ? ? ? 9.200  ? 2.810 ? ? 0.103 0.033 0 16 1 0.998 ? 
2.870 3.160  ? ? ? ? ? 341 ? 100.000 ? ? ? ? 0.065 ? ? ? ? ? ? ? ? 10.200 ? 3.071 ? ? 0.069 0.020 0 17 1 0.999 ? 
3.160 3.620  ? ? ? ? ? 337 ? 100.000 ? ? ? ? 0.058 ? ? ? ? ? ? ? ? 11.200 ? 3.785 ? ? 0.060 0.017 0 18 1 0.999 ? 
3.620 4.560  ? ? ? ? ? 348 ? 100.000 ? ? ? ? 0.058 ? ? ? ? ? ? ? ? 11.800 ? 4.085 ? ? 0.061 0.017 0 19 1 0.998 ? 
4.560 50.000 ? ? ? ? ? 365 ? 99.700  ? ? ? ? 0.060 ? ? ? ? ? ? ? ? 9.500  ? 4.456 ? ? 0.063 0.020 0 20 1 0.999 ? 
# 
_refine.aniso_B[1][1]                            ? 
_refine.aniso_B[1][2]                            ? 
_refine.aniso_B[1][3]                            ? 
_refine.aniso_B[2][2]                            ? 
_refine.aniso_B[2][3]                            ? 
_refine.aniso_B[3][3]                            ? 
_refine.B_iso_max                                47.840 
_refine.B_iso_mean                               27.3150 
_refine.B_iso_min                                16.380 
_refine.correlation_coeff_Fo_to_Fc               ? 
_refine.correlation_coeff_Fo_to_Fc_free          ? 
_refine.details                                  ? 
_refine.diff_density_max                         ? 
_refine.diff_density_max_esd                     ? 
_refine.diff_density_min                         ? 
_refine.diff_density_min_esd                     ? 
_refine.diff_density_rms                         ? 
_refine.diff_density_rms_esd                     ? 
_refine.entry_id                                 5DSA 
_refine.pdbx_refine_id                           'X-RAY DIFFRACTION' 
_refine.ls_abs_structure_details                 ? 
_refine.ls_abs_structure_Flack                   ? 
_refine.ls_abs_structure_Flack_esd               ? 
_refine.ls_abs_structure_Rogers                  ? 
_refine.ls_abs_structure_Rogers_esd              ? 
_refine.ls_d_res_high                            1.6896 
_refine.ls_d_res_low                             30.5870 
_refine.ls_extinction_coef                       ? 
_refine.ls_extinction_coef_esd                   ? 
_refine.ls_extinction_expression                 ? 
_refine.ls_extinction_method                     ? 
_refine.ls_goodness_of_fit_all                   ? 
_refine.ls_goodness_of_fit_all_esd               ? 
_refine.ls_goodness_of_fit_obs                   ? 
_refine.ls_goodness_of_fit_obs_esd               ? 
_refine.ls_hydrogen_treatment                    ? 
_refine.ls_matrix_type                           ? 
_refine.ls_number_constraints                    ? 
_refine.ls_number_parameters                     ? 
_refine.ls_number_reflns_all                     ? 
_refine.ls_number_reflns_obs                     6116 
_refine.ls_number_reflns_R_free                  300 
_refine.ls_number_reflns_R_work                  5816 
_refine.ls_number_restraints                     ? 
_refine.ls_percent_reflns_obs                    93.8200 
_refine.ls_percent_reflns_R_free                 4.9100 
_refine.ls_R_factor_all                          ? 
_refine.ls_R_factor_obs                          0.2495 
_refine.ls_R_factor_R_free                       0.2775 
_refine.ls_R_factor_R_free_error                 ? 
_refine.ls_R_factor_R_free_error_details         ? 
_refine.ls_R_factor_R_work                       0.2480 
_refine.ls_R_Fsqd_factor_obs                     ? 
_refine.ls_R_I_factor_obs                        ? 
_refine.ls_redundancy_reflns_all                 ? 
_refine.ls_redundancy_reflns_obs                 ? 
_refine.ls_restrained_S_all                      ? 
_refine.ls_restrained_S_obs                      ? 
_refine.ls_shift_over_esd_max                    ? 
_refine.ls_shift_over_esd_mean                   ? 
_refine.ls_structure_factor_coef                 ? 
_refine.ls_weighting_details                     ? 
_refine.ls_weighting_scheme                      ? 
_refine.ls_wR_factor_all                         ? 
_refine.ls_wR_factor_obs                         ? 
_refine.ls_wR_factor_R_free                      ? 
_refine.ls_wR_factor_R_work                      ? 
_refine.occupancy_max                            ? 
_refine.occupancy_min                            ? 
_refine.solvent_model_details                    'FLAT BULK SOLVENT MODEL' 
_refine.solvent_model_param_bsol                 ? 
_refine.solvent_model_param_ksol                 ? 
_refine.ls_R_factor_gt                           ? 
_refine.ls_goodness_of_fit_gt                    ? 
_refine.ls_goodness_of_fit_ref                   ? 
_refine.ls_shift_over_su_max                     ? 
_refine.ls_shift_over_su_max_lt                  ? 
_refine.ls_shift_over_su_mean                    ? 
_refine.ls_shift_over_su_mean_lt                 ? 
_refine.pdbx_ls_sigma_I                          ? 
_refine.pdbx_ls_sigma_F                          1.340 
_refine.pdbx_ls_sigma_Fsqd                       ? 
_refine.pdbx_data_cutoff_high_absF               ? 
_refine.pdbx_data_cutoff_high_rms_absF           ? 
_refine.pdbx_data_cutoff_low_absF                ? 
_refine.pdbx_isotropic_thermal_model             ? 
_refine.pdbx_ls_cross_valid_method               'FREE R-VALUE' 
_refine.pdbx_method_to_determine_struct          'MOLECULAR REPLACEMENT' 
_refine.pdbx_starting_model                      1P4Y 
_refine.pdbx_stereochemistry_target_values       ML 
_refine.pdbx_R_Free_selection_details            'random selection' 
_refine.pdbx_stereochem_target_val_spec_case     ? 
_refine.pdbx_overall_ESU_R                       ? 
_refine.pdbx_overall_ESU_R_Free                  ? 
_refine.pdbx_solvent_vdw_probe_radii             1.1100 
_refine.pdbx_solvent_ion_probe_radii             ? 
_refine.pdbx_solvent_shrinkage_radii             0.9000 
_refine.pdbx_real_space_R                        ? 
_refine.pdbx_density_correlation                 ? 
_refine.pdbx_pd_number_of_powder_patterns        ? 
_refine.pdbx_pd_number_of_points                 ? 
_refine.pdbx_pd_meas_number_of_points            ? 
_refine.pdbx_pd_proc_ls_prof_R_factor            ? 
_refine.pdbx_pd_proc_ls_prof_wR_factor           ? 
_refine.pdbx_pd_Marquardt_correlation_coeff      ? 
_refine.pdbx_pd_Fsqrd_R_factor                   ? 
_refine.pdbx_pd_ls_matrix_band_width             ? 
_refine.pdbx_overall_phase_error                 36.1800 
_refine.pdbx_overall_SU_R_free_Cruickshank_DPI   ? 
_refine.pdbx_overall_SU_R_free_Blow_DPI          ? 
_refine.pdbx_overall_SU_R_Blow_DPI               ? 
_refine.pdbx_TLS_residual_ADP_flag               ? 
_refine.pdbx_diffrn_id                           1 
_refine.overall_SU_B                             ? 
_refine.overall_SU_ML                            0.2100 
_refine.overall_SU_R_Cruickshank_DPI             ? 
_refine.overall_SU_R_free                        ? 
_refine.overall_FOM_free_R_set                   ? 
_refine.overall_FOM_work_R_set                   ? 
_refine.pdbx_average_fsc_overall                 ? 
_refine.pdbx_average_fsc_work                    ? 
_refine.pdbx_average_fsc_free                    ? 
# 
_refine_hist.cycle_id                         final 
_refine_hist.pdbx_refine_id                   'X-RAY DIFFRACTION' 
_refine_hist.d_res_high                       1.6896 
_refine_hist.d_res_low                        30.5870 
_refine_hist.pdbx_number_atoms_ligand         2 
_refine_hist.number_atoms_solvent             87 
_refine_hist.number_atoms_total               495 
_refine_hist.pdbx_number_residues_total       20 
_refine_hist.pdbx_B_iso_mean_ligand           22.30 
_refine_hist.pdbx_B_iso_mean_solvent          31.56 
_refine_hist.pdbx_number_atoms_protein        0 
_refine_hist.pdbx_number_atoms_nucleic_acid   406 
# 
loop_
_refine_ls_restr.pdbx_refine_id 
_refine_ls_restr.criterion 
_refine_ls_restr.dev_ideal 
_refine_ls_restr.dev_ideal_target 
_refine_ls_restr.number 
_refine_ls_restr.rejects 
_refine_ls_restr.type 
_refine_ls_restr.weight 
_refine_ls_restr.pdbx_restraint_function 
'X-RAY DIFFRACTION' ? 0.009  ? 454 ? f_bond_d           ? ? 
'X-RAY DIFFRACTION' ? 1.187  ? 698 ? f_angle_d          ? ? 
'X-RAY DIFFRACTION' ? 0.049  ? 76  ? f_chiral_restr     ? ? 
'X-RAY DIFFRACTION' ? 0.010  ? 20  ? f_plane_restr      ? ? 
'X-RAY DIFFRACTION' ? 36.914 ? 180 ? f_dihedral_angle_d ? ? 
# 
loop_
_refine_ls_shell.pdbx_refine_id 
_refine_ls_shell.d_res_high 
_refine_ls_shell.d_res_low 
_refine_ls_shell.number_reflns_all 
_refine_ls_shell.number_reflns_obs 
_refine_ls_shell.number_reflns_R_free 
_refine_ls_shell.number_reflns_R_work 
_refine_ls_shell.percent_reflns_obs 
_refine_ls_shell.percent_reflns_R_free 
_refine_ls_shell.R_factor_all 
_refine_ls_shell.R_factor_obs 
_refine_ls_shell.R_factor_R_free 
_refine_ls_shell.R_factor_R_free_error 
_refine_ls_shell.R_factor_R_work 
_refine_ls_shell.redundancy_reflns_all 
_refine_ls_shell.redundancy_reflns_obs 
_refine_ls_shell.wR_factor_all 
_refine_ls_shell.wR_factor_obs 
_refine_ls_shell.wR_factor_R_free 
_refine_ls_shell.wR_factor_R_work 
_refine_ls_shell.pdbx_total_number_of_bins_used 
_refine_ls_shell.pdbx_phase_error 
_refine_ls_shell.pdbx_fsc_work 
_refine_ls_shell.pdbx_fsc_free 
'X-RAY DIFFRACTION' 1.6896 2.1287  2833 . 133 2700 88.0000 . . . 0.3685 . 0.3067 . . . . . . 2 . . . 
'X-RAY DIFFRACTION' 2.1287 30.5915 3283 . 167 3116 99.0000 . . . 0.2575 . 0.2329 . . . . . . 2 . . . 
# 
_struct.entry_id                     5DSA 
_struct.title                        'Crystal structure of Holliday junctions stabilized by 5-methylcytosine in GCC junction core' 
_struct.pdbx_model_details           ? 
_struct.pdbx_formula_weight          ? 
_struct.pdbx_formula_weight_method   ? 
_struct.pdbx_model_type_details      ? 
_struct.pdbx_CASP_flag               ? 
# 
_struct_keywords.entry_id        5DSA 
_struct_keywords.text            'Holliday junction, 5-methylcytosine, DNA' 
_struct_keywords.pdbx_keywords   DNA 
# 
loop_
_struct_asym.id 
_struct_asym.pdbx_blank_PDB_chainid_flag 
_struct_asym.pdbx_modified 
_struct_asym.entity_id 
_struct_asym.details 
A N N 1 ? 
B N N 1 ? 
C N N 2 ? 
D N N 2 ? 
E N N 3 ? 
F N N 3 ? 
# 
loop_
_struct_conn.id 
_struct_conn.conn_type_id 
_struct_conn.pdbx_leaving_atom_flag 
_struct_conn.pdbx_PDB_id 
_struct_conn.ptnr1_label_asym_id 
_struct_conn.ptnr1_label_comp_id 
_struct_conn.ptnr1_label_seq_id 
_struct_conn.ptnr1_label_atom_id 
_struct_conn.pdbx_ptnr1_label_alt_id 
_struct_conn.pdbx_ptnr1_PDB_ins_code 
_struct_conn.pdbx_ptnr1_standard_comp_id 
_struct_conn.ptnr1_symmetry 
_struct_conn.ptnr2_label_asym_id 
_struct_conn.ptnr2_label_comp_id 
_struct_conn.ptnr2_label_seq_id 
_struct_conn.ptnr2_label_atom_id 
_struct_conn.pdbx_ptnr2_label_alt_id 
_struct_conn.pdbx_ptnr2_PDB_ins_code 
_struct_conn.ptnr1_auth_asym_id 
_struct_conn.ptnr1_auth_comp_id 
_struct_conn.ptnr1_auth_seq_id 
_struct_conn.ptnr2_auth_asym_id 
_struct_conn.ptnr2_auth_comp_id 
_struct_conn.ptnr2_auth_seq_id 
_struct_conn.ptnr2_symmetry 
_struct_conn.pdbx_ptnr3_label_atom_id 
_struct_conn.pdbx_ptnr3_label_seq_id 
_struct_conn.pdbx_ptnr3_label_comp_id 
_struct_conn.pdbx_ptnr3_label_asym_id 
_struct_conn.pdbx_ptnr3_label_alt_id 
_struct_conn.pdbx_ptnr3_PDB_ins_code 
_struct_conn.details 
_struct_conn.pdbx_dist_value 
_struct_conn.pdbx_value_order 
_struct_conn.pdbx_role 
covale1  covale both ? A DG  6  "O3'" ? ? ? 1_555 A 5CM 7 P  ? ? A DG  6   A 5CM 7   1_555 ? ? ? ? ? ? ?            1.604 ? ? 
covale2  covale both ? A 5CM 7  "O3'" ? ? ? 1_555 A DC  8 P  ? ? A 5CM 7   A DC  8   1_555 ? ? ? ? ? ? ?            1.606 ? ? 
covale3  covale both ? B DG  6  "O3'" ? ? ? 1_555 B 5CM 7 P  ? ? B DG  16  B 5CM 17  1_555 ? ? ? ? ? ? ?            1.605 ? ? 
covale4  covale both ? B 5CM 7  "O3'" ? ? ? 1_555 B DC  8 P  ? ? B 5CM 17  B DC  18  1_555 ? ? ? ? ? ? ?            1.598 ? ? 
metalc1  metalc ?    ? C CA  .  CA    A ? ? 1_555 E HOH . O  ? ? A CA  101 A HOH 210 1_555 ? ? ? ? ? ? ?            2.524 ? ? 
metalc2  metalc ?    ? C CA  .  CA    A ? ? 1_555 E HOH . O  ? ? A CA  101 A HOH 221 1_555 ? ? ? ? ? ? ?            2.447 ? ? 
metalc3  metalc ?    ? C CA  .  CA    A ? ? 1_555 E HOH . O  ? ? A CA  101 A HOH 237 1_555 ? ? ? ? ? ? ?            2.225 ? ? 
metalc4  metalc ?    ? C CA  .  CA    A ? ? 1_555 F HOH . O  ? ? A CA  101 B HOH 131 2_556 ? ? ? ? ? ? ?            2.355 ? ? 
metalc5  metalc ?    ? D CA  .  CA    B ? ? 1_555 E HOH . O  ? ? A CA  102 A HOH 208 1_555 ? ? ? ? ? ? ?            2.738 ? ? 
metalc6  metalc ?    ? D CA  .  CA    B ? ? 1_555 E HOH . O  ? ? A CA  102 A HOH 210 1_555 ? ? ? ? ? ? ?            2.472 ? ? 
metalc7  metalc ?    ? D CA  .  CA    B ? ? 1_555 E HOH . O  ? ? A CA  102 A HOH 244 1_555 ? ? ? ? ? ? ?            2.517 ? ? 
hydrog1  hydrog ?    ? A DC  5  N3    ? ? ? 1_555 B DG  6 N1 ? ? A DC  5   B DG  16  1_555 ? ? ? ? ? ? WATSON-CRICK ?     ? ? 
hydrog2  hydrog ?    ? A DC  5  N4    ? ? ? 1_555 B DG  6 O6 ? ? A DC  5   B DG  16  1_555 ? ? ? ? ? ? WATSON-CRICK ?     ? ? 
hydrog3  hydrog ?    ? A DC  5  O2    ? ? ? 1_555 B DG  6 N2 ? ? A DC  5   B DG  16  1_555 ? ? ? ? ? ? WATSON-CRICK ?     ? ? 
hydrog4  hydrog ?    ? A DG  6  N1    ? ? ? 1_555 B DC  5 N3 ? ? A DG  6   B DC  15  1_555 ? ? ? ? ? ? WATSON-CRICK ?     ? ? 
hydrog5  hydrog ?    ? A DG  6  N2    ? ? ? 1_555 B DC  5 O2 ? ? A DG  6   B DC  15  1_555 ? ? ? ? ? ? WATSON-CRICK ?     ? ? 
hydrog6  hydrog ?    ? A DG  6  O6    ? ? ? 1_555 B DC  5 N4 ? ? A DG  6   B DC  15  1_555 ? ? ? ? ? ? WATSON-CRICK ?     ? ? 
hydrog7  hydrog ?    ? A 5CM 7  N3    ? ? ? 1_555 B DG  4 N1 ? ? A 5CM 7   B DG  14  1_555 ? ? ? ? ? ? WATSON-CRICK ?     ? ? 
hydrog8  hydrog ?    ? A 5CM 7  N4    ? ? ? 1_555 B DG  4 O6 ? ? A 5CM 7   B DG  14  1_555 ? ? ? ? ? ? WATSON-CRICK ?     ? ? 
hydrog9  hydrog ?    ? A 5CM 7  O2    ? ? ? 1_555 B DG  4 N2 ? ? A 5CM 7   B DG  14  1_555 ? ? ? ? ? ? WATSON-CRICK ?     ? ? 
hydrog10 hydrog ?    ? A DC  8  N3    ? ? ? 1_555 B DG  3 N1 ? ? A DC  8   B DG  13  1_555 ? ? ? ? ? ? WATSON-CRICK ?     ? ? 
hydrog11 hydrog ?    ? A DC  8  N4    ? ? ? 1_555 B DG  3 O6 ? ? A DC  8   B DG  13  1_555 ? ? ? ? ? ? WATSON-CRICK ?     ? ? 
hydrog12 hydrog ?    ? A DC  8  O2    ? ? ? 1_555 B DG  3 N2 ? ? A DC  8   B DG  13  1_555 ? ? ? ? ? ? WATSON-CRICK ?     ? ? 
hydrog13 hydrog ?    ? A DG  9  N1    ? ? ? 1_555 B DC  2 N3 ? ? A DG  9   B DC  12  1_555 ? ? ? ? ? ? WATSON-CRICK ?     ? ? 
hydrog14 hydrog ?    ? A DG  9  N2    ? ? ? 1_555 B DC  2 O2 ? ? A DG  9   B DC  12  1_555 ? ? ? ? ? ? WATSON-CRICK ?     ? ? 
hydrog15 hydrog ?    ? A DG  9  O6    ? ? ? 1_555 B DC  2 N4 ? ? A DG  9   B DC  12  1_555 ? ? ? ? ? ? WATSON-CRICK ?     ? ? 
hydrog16 hydrog ?    ? A DG  10 N1    ? ? ? 1_555 B DC  1 N3 ? ? A DG  10  B DC  11  1_555 ? ? ? ? ? ? WATSON-CRICK ?     ? ? 
hydrog17 hydrog ?    ? A DG  10 N2    ? ? ? 1_555 B DC  1 O2 ? ? A DG  10  B DC  11  1_555 ? ? ? ? ? ? WATSON-CRICK ?     ? ? 
hydrog18 hydrog ?    ? A DG  10 O6    ? ? ? 1_555 B DC  1 N4 ? ? A DG  10  B DC  11  1_555 ? ? ? ? ? ? WATSON-CRICK ?     ? ? 
# 
loop_
_struct_conn_type.id 
_struct_conn_type.criteria 
_struct_conn_type.reference 
covale ? ? 
metalc ? ? 
hydrog ? ? 
# 
loop_
_struct_site.id 
_struct_site.pdbx_evidence_code 
_struct_site.pdbx_auth_asym_id 
_struct_site.pdbx_auth_comp_id 
_struct_site.pdbx_auth_seq_id 
_struct_site.pdbx_auth_ins_code 
_struct_site.pdbx_num_residues 
_struct_site.details 
AC1 Software A CA  101 ? 5  'binding site for residue CA A 101'                   
AC2 Software A CA  102 ? 4  'binding site for residue CA A 102'                   
AC3 Software B DG  16  ? 13 'binding site for Di-nucleotide DG B 16 and 5CM B 17' 
AC4 Software B 5CM 17  ? 13 'binding site for Di-nucleotide 5CM B 17 and DC B 18' 
# 
loop_
_struct_site_gen.id 
_struct_site_gen.site_id 
_struct_site_gen.pdbx_num_res 
_struct_site_gen.label_comp_id 
_struct_site_gen.label_asym_id 
_struct_site_gen.label_seq_id 
_struct_site_gen.pdbx_auth_ins_code 
_struct_site_gen.auth_comp_id 
_struct_site_gen.auth_asym_id 
_struct_site_gen.auth_seq_id 
_struct_site_gen.label_atom_id 
_struct_site_gen.label_alt_id 
_struct_site_gen.symmetry 
_struct_site_gen.details 
1  AC1 5  CA  D . ? CA  A 102 . ? 1_555 ? 
2  AC1 5  HOH E . ? HOH A 210 . ? 1_555 ? 
3  AC1 5  HOH E . ? HOH A 221 . ? 1_555 ? 
4  AC1 5  HOH E . ? HOH A 237 . ? 1_555 ? 
5  AC1 5  HOH F . ? HOH B 131 . ? 2_556 ? 
6  AC2 4  CA  C . ? CA  A 101 . ? 1_555 ? 
7  AC2 4  HOH E . ? HOH A 208 . ? 1_555 ? 
8  AC2 4  HOH E . ? HOH A 210 . ? 1_555 ? 
9  AC2 4  HOH E . ? HOH A 244 . ? 1_555 ? 
10 AC3 13 DG  A 3 ? DG  A 3   . ? 2_556 ? 
11 AC3 13 DG  A 4 ? DG  A 4   . ? 1_555 ? 
12 AC3 13 DG  A 4 ? DG  A 4   . ? 2_556 ? 
13 AC3 13 DC  A 5 ? DC  A 5   . ? 1_555 ? 
14 AC3 13 DG  A 6 ? DG  A 6   . ? 1_555 ? 
15 AC3 13 DC  B 5 ? DC  B 15  . ? 1_555 ? 
16 AC3 13 DC  B 8 ? DC  B 18  . ? 1_555 ? 
17 AC3 13 HOH F . ? HOH B 106 . ? 1_555 ? 
18 AC3 13 HOH F . ? HOH B 112 . ? 1_555 ? 
19 AC3 13 HOH F . ? HOH B 113 . ? 1_555 ? 
20 AC3 13 HOH F . ? HOH B 115 . ? 1_555 ? 
21 AC3 13 HOH F . ? HOH B 118 . ? 1_555 ? 
22 AC3 13 HOH F . ? HOH B 124 . ? 1_555 ? 
23 AC4 13 DC  A 2 ? DC  A 2   . ? 2_556 ? 
24 AC4 13 DG  A 3 ? DG  A 3   . ? 2_556 ? 
25 AC4 13 DG  A 4 ? DG  A 4   . ? 2_556 ? 
26 AC4 13 DG  B 6 ? DG  B 16  . ? 1_555 ? 
27 AC4 13 DG  B 6 ? DG  B 16  . ? 2_556 ? 
28 AC4 13 DG  B 9 ? DG  B 19  . ? 1_555 ? 
29 AC4 13 HOH F . ? HOH B 105 . ? 1_555 ? 
30 AC4 13 HOH F . ? HOH B 106 . ? 1_555 ? 
31 AC4 13 HOH F . ? HOH B 107 . ? 1_555 ? 
32 AC4 13 HOH F . ? HOH B 109 . ? 1_555 ? 
33 AC4 13 HOH F . ? HOH B 111 . ? 1_555 ? 
34 AC4 13 HOH F . ? HOH B 112 . ? 1_555 ? 
35 AC4 13 HOH F . ? HOH B 115 . ? 1_555 ? 
# 
_atom_sites.entry_id                    5DSA 
_atom_sites.fract_transf_matrix[1][1]   -0.01102849 
_atom_sites.fract_transf_matrix[1][2]   -0.00023503 
_atom_sites.fract_transf_matrix[1][3]   0.01206409 
_atom_sites.fract_transf_matrix[2][1]   -0.02959218 
_atom_sites.fract_transf_matrix[2][2]   -0.00675258 
_atom_sites.fract_transf_matrix[2][3]   -0.02718349 
_atom_sites.fract_transf_matrix[3][1]   -0.00369509 
_atom_sites.fract_transf_matrix[3][2]   -0.02610719 
_atom_sites.fract_transf_matrix[3][3]   0.01050772 
_atom_sites.fract_transf_vector[1]      0.049886 
_atom_sites.fract_transf_vector[2]      -0.099073 
_atom_sites.fract_transf_vector[3]      0.354454 
# 
loop_
_atom_type.symbol 
C  
CA 
N  
O  
P  
# 
loop_
_atom_site.group_PDB 
_atom_site.id 
_atom_site.type_symbol 
_atom_site.label_atom_id 
_atom_site.label_alt_id 
_atom_site.label_comp_id 
_atom_site.label_asym_id 
_atom_site.label_entity_id 
_atom_site.label_seq_id 
_atom_site.pdbx_PDB_ins_code 
_atom_site.Cartn_x 
_atom_site.Cartn_y 
_atom_site.Cartn_z 
_atom_site.occupancy 
_atom_site.B_iso_or_equiv 
_atom_site.pdbx_formal_charge 
_atom_site.auth_seq_id 
_atom_site.auth_comp_id 
_atom_site.auth_asym_id 
_atom_site.auth_atom_id 
_atom_site.pdbx_PDB_model_num 
ATOM   1   O  "O5'" . DC  A 1 1  ? 9.652   -9.045  -10.830 1.00 26.46 ? 1   DC  A "O5'" 1 
ATOM   2   C  "C5'" . DC  A 1 1  ? 10.826  -9.420  -11.546 1.00 24.34 ? 1   DC  A "C5'" 1 
ATOM   3   C  "C4'" . DC  A 1 1  ? 11.163  -8.379  -12.599 1.00 24.78 ? 1   DC  A "C4'" 1 
ATOM   4   O  "O4'" . DC  A 1 1  ? 10.092  -8.308  -13.561 1.00 25.91 ? 1   DC  A "O4'" 1 
ATOM   5   C  "C3'" . DC  A 1 1  ? 11.366  -6.951  -12.074 1.00 23.74 ? 1   DC  A "C3'" 1 
ATOM   6   O  "O3'" . DC  A 1 1  ? 12.536  -6.388  -12.664 1.00 26.27 ? 1   DC  A "O3'" 1 
ATOM   7   C  "C2'" . DC  A 1 1  ? 10.104  -6.223  -12.539 1.00 27.01 ? 1   DC  A "C2'" 1 
ATOM   8   C  "C1'" . DC  A 1 1  ? 9.804   -6.966  -13.824 1.00 23.70 ? 1   DC  A "C1'" 1 
ATOM   9   N  N1    . DC  A 1 1  ? 8.413   -6.871  -14.287 1.00 22.46 ? 1   DC  A N1    1 
ATOM   10  C  C2    . DC  A 1 1  ? 8.012   -5.751  -15.020 1.00 19.81 ? 1   DC  A C2    1 
ATOM   11  O  O2    . DC  A 1 1  ? 8.826   -4.842  -15.218 1.00 23.92 ? 1   DC  A O2    1 
ATOM   12  N  N3    . DC  A 1 1  ? 6.746   -5.677  -15.464 1.00 22.34 ? 1   DC  A N3    1 
ATOM   13  C  C4    . DC  A 1 1  ? 5.899   -6.670  -15.222 1.00 22.53 ? 1   DC  A C4    1 
ATOM   14  N  N4    . DC  A 1 1  ? 4.660   -6.555  -15.698 1.00 24.61 ? 1   DC  A N4    1 
ATOM   15  C  C5    . DC  A 1 1  ? 6.288   -7.838  -14.496 1.00 25.91 ? 1   DC  A C5    1 
ATOM   16  C  C6    . DC  A 1 1  ? 7.546   -7.899  -14.057 1.00 23.05 ? 1   DC  A C6    1 
ATOM   17  P  P     . DC  A 1 2  ? 13.799  -5.995  -11.760 1.00 31.39 ? 2   DC  A P     1 
ATOM   18  O  OP1   . DC  A 1 2  ? 14.887  -5.677  -12.707 1.00 31.45 ? 2   DC  A OP1   1 
ATOM   19  O  OP2   . DC  A 1 2  ? 13.956  -6.958  -10.662 1.00 24.45 ? 2   DC  A OP2   1 
ATOM   20  O  "O5'" . DC  A 1 2  ? 13.331  -4.678  -10.978 1.00 26.83 ? 2   DC  A "O5'" 1 
ATOM   21  C  "C5'" . DC  A 1 2  ? 13.424  -3.422  -11.577 1.00 24.94 ? 2   DC  A "C5'" 1 
ATOM   22  C  "C4'" . DC  A 1 2  ? 12.530  -2.440  -10.845 1.00 19.11 ? 2   DC  A "C4'" 1 
ATOM   23  O  "O4'" . DC  A 1 2  ? 11.159  -2.770  -11.097 1.00 19.95 ? 2   DC  A "O4'" 1 
ATOM   24  C  "C3'" . DC  A 1 2  ? 12.674  -2.427  -9.328  1.00 20.15 ? 2   DC  A "C3'" 1 
ATOM   25  O  "O3'" . DC  A 1 2  ? 12.597  -1.097  -8.890  1.00 21.06 ? 2   DC  A "O3'" 1 
ATOM   26  C  "C2'" . DC  A 1 2  ? 11.454  -3.224  -8.855  1.00 19.06 ? 2   DC  A "C2'" 1 
ATOM   27  C  "C1'" . DC  A 1 2  ? 10.441  -2.779  -9.878  1.00 18.06 ? 2   DC  A "C1'" 1 
ATOM   28  N  N1    . DC  A 1 2  ? 9.286   -3.683  -10.076 1.00 16.38 ? 2   DC  A N1    1 
ATOM   29  C  C2    . DC  A 1 2  ? 8.293   -3.293  -10.964 1.00 19.18 ? 2   DC  A C2    1 
ATOM   30  O  O2    . DC  A 1 2  ? 8.383   -2.186  -11.514 1.00 18.69 ? 2   DC  A O2    1 
ATOM   31  N  N3    . DC  A 1 2  ? 7.261   -4.115  -11.200 1.00 18.32 ? 2   DC  A N3    1 
ATOM   32  C  C4    . DC  A 1 2  ? 7.195   -5.296  -10.593 1.00 20.31 ? 2   DC  A C4    1 
ATOM   33  N  N4    . DC  A 1 2  ? 6.153   -6.067  -10.875 1.00 19.62 ? 2   DC  A N4    1 
ATOM   34  C  C5    . DC  A 1 2  ? 8.205   -5.736  -9.686  1.00 19.37 ? 2   DC  A C5    1 
ATOM   35  C  C6    . DC  A 1 2  ? 9.235   -4.908  -9.465  1.00 21.31 ? 2   DC  A C6    1 
ATOM   36  P  P     . DG  A 1 3  ? 13.937  -0.289  -8.553  1.00 27.39 ? 3   DG  A P     1 
ATOM   37  O  OP1   . DG  A 1 3  ? 14.920  -0.544  -9.625  1.00 25.25 ? 3   DG  A OP1   1 
ATOM   38  O  OP2   . DG  A 1 3  ? 14.240  -0.658  -7.147  1.00 29.53 ? 3   DG  A OP2   1 
ATOM   39  O  "O5'" . DG  A 1 3  ? 13.468  1.234   -8.552  1.00 27.88 ? 3   DG  A "O5'" 1 
ATOM   40  C  "C5'" . DG  A 1 3  ? 13.030  1.870   -9.759  1.00 22.27 ? 3   DG  A "C5'" 1 
ATOM   41  C  "C4'" . DG  A 1 3  ? 11.738  2.626   -9.520  1.00 21.65 ? 3   DG  A "C4'" 1 
ATOM   42  O  "O4'" . DG  A 1 3  ? 10.641  1.678   -9.389  1.00 21.31 ? 3   DG  A "O4'" 1 
ATOM   43  C  "C3'" . DG  A 1 3  ? 11.682  3.461   -8.246  1.00 21.41 ? 3   DG  A "C3'" 1 
ATOM   44  O  "O3'" . DG  A 1 3  ? 10.814  4.521   -8.453  1.00 20.34 ? 3   DG  A "O3'" 1 
ATOM   45  C  "C2'" . DG  A 1 3  ? 11.043  2.492   -7.255  1.00 21.36 ? 3   DG  A "C2'" 1 
ATOM   46  C  "C1'" . DG  A 1 3  ? 9.988   1.889   -8.155  1.00 19.98 ? 3   DG  A "C1'" 1 
ATOM   47  N  N9    . DG  A 1 3  ? 9.490   0.599   -7.705  1.00 20.64 ? 3   DG  A N9    1 
ATOM   48  C  C8    . DG  A 1 3  ? 10.050  -0.241  -6.777  1.00 23.36 ? 3   DG  A C8    1 
ATOM   49  N  N7    . DG  A 1 3  ? 9.378   -1.357  -6.620  1.00 18.24 ? 3   DG  A N7    1 
ATOM   50  C  C5    . DG  A 1 3  ? 8.317   -1.228  -7.501  1.00 17.64 ? 3   DG  A C5    1 
ATOM   51  C  C6    . DG  A 1 3  ? 7.261   -2.113  -7.779  1.00 20.20 ? 3   DG  A C6    1 
ATOM   52  O  O6    . DG  A 1 3  ? 7.037   -3.220  -7.261  1.00 19.63 ? 3   DG  A O6    1 
ATOM   53  N  N1    . DG  A 1 3  ? 6.404   -1.603  -8.754  1.00 17.38 ? 3   DG  A N1    1 
ATOM   54  C  C2    . DG  A 1 3  ? 6.550   -0.385  -9.363  1.00 16.73 ? 3   DG  A C2    1 
ATOM   55  N  N2    . DG  A 1 3  ? 5.637   -0.062  -10.284 1.00 20.57 ? 3   DG  A N2    1 
ATOM   56  N  N3    . DG  A 1 3  ? 7.548   0.442   -9.126  1.00 20.87 ? 3   DG  A N3    1 
ATOM   57  C  C4    . DG  A 1 3  ? 8.386   -0.040  -8.181  1.00 20.85 ? 3   DG  A C4    1 
ATOM   58  P  P     . DG  A 1 4  ? 11.348  6.027   -8.538  1.00 25.98 ? 4   DG  A P     1 
ATOM   59  O  OP1   . DG  A 1 4  ? 12.315  6.076   -9.645  1.00 27.32 ? 4   DG  A OP1   1 
ATOM   60  O  OP2   . DG  A 1 4  ? 11.708  6.513   -7.187  1.00 20.39 ? 4   DG  A OP2   1 
ATOM   61  O  "O5'" . DG  A 1 4  ? 10.060  6.814   -9.024  1.00 22.43 ? 4   DG  A "O5'" 1 
ATOM   62  C  "C5'" . DG  A 1 4  ? 9.516   6.528   -10.282 1.00 18.79 ? 4   DG  A "C5'" 1 
ATOM   63  C  "C4'" . DG  A 1 4  ? 8.001   6.656   -10.275 1.00 23.23 ? 4   DG  A "C4'" 1 
ATOM   64  O  "O4'" . DG  A 1 4  ? 7.414   5.495   -9.649  1.00 21.29 ? 4   DG  A "O4'" 1 
ATOM   65  C  "C3'" . DG  A 1 4  ? 7.421   7.854   -9.535  1.00 26.00 ? 4   DG  A "C3'" 1 
ATOM   66  O  "O3'" . DG  A 1 4  ? 6.220   8.224   -10.186 1.00 22.88 ? 4   DG  A "O3'" 1 
ATOM   67  C  "C2'" . DG  A 1 4  ? 7.164   7.285   -8.138  1.00 20.07 ? 4   DG  A "C2'" 1 
ATOM   68  C  "C1'" . DG  A 1 4  ? 6.731   5.858   -8.469  1.00 24.73 ? 4   DG  A "C1'" 1 
ATOM   69  N  N9    . DG  A 1 4  ? 7.084   4.865   -7.468  1.00 23.86 ? 4   DG  A N9    1 
ATOM   70  C  C8    . DG  A 1 4  ? 8.193   4.847   -6.659  1.00 23.76 ? 4   DG  A C8    1 
ATOM   71  N  N7    . DG  A 1 4  ? 8.265   3.786   -5.905  1.00 23.28 ? 4   DG  A N7    1 
ATOM   72  C  C5    . DG  A 1 4  ? 7.141   3.046   -6.250  1.00 22.32 ? 4   DG  A C5    1 
ATOM   73  C  C6    . DG  A 1 4  ? 6.683   1.796   -5.765  1.00 21.09 ? 4   DG  A C6    1 
ATOM   74  O  O6    . DG  A 1 4  ? 7.201   1.062   -4.909  1.00 22.58 ? 4   DG  A O6    1 
ATOM   75  N  N1    . DG  A 1 4  ? 5.506   1.400   -6.402  1.00 18.47 ? 4   DG  A N1    1 
ATOM   76  C  C2    . DG  A 1 4  ? 4.851   2.119   -7.358  1.00 18.61 ? 4   DG  A C2    1 
ATOM   77  N  N2    . DG  A 1 4  ? 3.722   1.582   -7.842  1.00 19.64 ? 4   DG  A N2    1 
ATOM   78  N  N3    . DG  A 1 4  ? 5.275   3.293   -7.822  1.00 18.49 ? 4   DG  A N3    1 
ATOM   79  C  C4    . DG  A 1 4  ? 6.419   3.685   -7.223  1.00 18.64 ? 4   DG  A C4    1 
ATOM   80  P  P     . DC  A 1 5  ? 5.254   9.359   -9.601  1.00 30.55 ? 5   DC  A P     1 
ATOM   81  O  OP1   . DC  A 1 5  ? 4.631   9.982   -10.782 1.00 31.37 ? 5   DC  A OP1   1 
ATOM   82  O  OP2   . DC  A 1 5  ? 5.916   10.098  -8.505  1.00 29.15 ? 5   DC  A OP2   1 
ATOM   83  O  "O5'" . DC  A 1 5  ? 4.116   8.528   -8.865  1.00 26.54 ? 5   DC  A "O5'" 1 
ATOM   84  C  "C5'" . DC  A 1 5  ? 3.343   7.626   -9.594  1.00 27.41 ? 5   DC  A "C5'" 1 
ATOM   85  C  "C4'" . DC  A 1 5  ? 2.385   6.936   -8.667  1.00 24.45 ? 5   DC  A "C4'" 1 
ATOM   86  O  "O4'" . DC  A 1 5  ? 3.103   6.003   -7.838  1.00 27.67 ? 5   DC  A "O4'" 1 
ATOM   87  C  "C3'" . DC  A 1 5  ? 1.654   7.868   -7.694  1.00 26.28 ? 5   DC  A "C3'" 1 
ATOM   88  O  "O3'" . DC  A 1 5  ? 0.312   7.538   -7.717  1.00 34.51 ? 5   DC  A "O3'" 1 
ATOM   89  C  "C2'" . DC  A 1 5  ? 2.253   7.496   -6.340  1.00 25.07 ? 5   DC  A "C2'" 1 
ATOM   90  C  "C1'" . DC  A 1 5  ? 2.506   6.022   -6.578  1.00 23.44 ? 5   DC  A "C1'" 1 
ATOM   91  N  N1    . DC  A 1 5  ? 3.416   5.392   -5.603  1.00 21.20 ? 5   DC  A N1    1 
ATOM   92  C  C2    . DC  A 1 5  ? 3.071   4.153   -5.026  1.00 22.23 ? 5   DC  A C2    1 
ATOM   93  O  O2    . DC  A 1 5  ? 2.009   3.605   -5.360  1.00 21.86 ? 5   DC  A O2    1 
ATOM   94  N  N3    . DC  A 1 5  ? 3.923   3.588   -4.130  1.00 20.76 ? 5   DC  A N3    1 
ATOM   95  C  C4    . DC  A 1 5  ? 5.067   4.204   -3.818  1.00 23.06 ? 5   DC  A C4    1 
ATOM   96  N  N4    . DC  A 1 5  ? 5.877   3.619   -2.941  1.00 25.05 ? 5   DC  A N4    1 
ATOM   97  C  C5    . DC  A 1 5  ? 5.433   5.451   -4.404  1.00 25.56 ? 5   DC  A C5    1 
ATOM   98  C  C6    . DC  A 1 5  ? 4.583   6.002   -5.276  1.00 24.38 ? 5   DC  A C6    1 
ATOM   99  P  P     . DG  A 1 6  ? -0.809  8.646   -7.963  1.00 30.88 ? 6   DG  A P     1 
ATOM   100 O  OP1   . DG  A 1 6  ? -0.990  8.800   -9.415  1.00 28.43 ? 6   DG  A OP1   1 
ATOM   101 O  OP2   . DG  A 1 6  ? -0.485  9.797   -7.090  1.00 28.18 ? 6   DG  A OP2   1 
ATOM   102 O  "O5'" . DG  A 1 6  ? -2.118  7.917   -7.435  1.00 25.35 ? 6   DG  A "O5'" 1 
ATOM   103 C  "C5'" . DG  A 1 6  ? -2.387  6.607   -7.856  1.00 27.17 ? 6   DG  A "C5'" 1 
ATOM   104 C  "C4'" . DG  A 1 6  ? -3.000  5.817   -6.723  1.00 28.67 ? 6   DG  A "C4'" 1 
ATOM   105 O  "O4'" . DG  A 1 6  ? -1.944  5.323   -5.861  1.00 28.30 ? 6   DG  A "O4'" 1 
ATOM   106 C  "C3'" . DG  A 1 6  ? -3.934  6.625   -5.824  1.00 30.31 ? 6   DG  A "C3'" 1 
ATOM   107 O  "O3'" . DG  A 1 6  ? -5.027  5.820   -5.433  1.00 41.98 ? 6   DG  A "O3'" 1 
ATOM   108 C  "C2'" . DG  A 1 6  ? -3.043  6.971   -4.637  1.00 32.90 ? 6   DG  A "C2'" 1 
ATOM   109 C  "C1'" . DG  A 1 6  ? -2.217  5.703   -4.531  1.00 28.18 ? 6   DG  A "C1'" 1 
ATOM   110 N  N9    . DG  A 1 6  ? -0.949  5.878   -3.852  1.00 25.14 ? 6   DG  A N9    1 
ATOM   111 C  C8    . DG  A 1 6  ? -0.109  6.957   -3.939  1.00 21.41 ? 6   DG  A C8    1 
ATOM   112 N  N7    . DG  A 1 6  ? 0.974   6.827   -3.231  1.00 26.65 ? 6   DG  A N7    1 
ATOM   113 C  C5    . DG  A 1 6  ? 0.851   5.572   -2.638  1.00 24.40 ? 6   DG  A C5    1 
ATOM   114 C  C6    . DG  A 1 6  ? 1.722   4.893   -1.760  1.00 25.23 ? 6   DG  A C6    1 
ATOM   115 O  O6    . DG  A 1 6  ? 2.821   5.273   -1.325  1.00 29.66 ? 6   DG  A O6    1 
ATOM   116 N  N1    . DG  A 1 6  ? 1.219   3.650   -1.391  1.00 24.44 ? 6   DG  A N1    1 
ATOM   117 C  C2    . DG  A 1 6  ? 0.021   3.129   -1.813  1.00 23.62 ? 6   DG  A C2    1 
ATOM   118 N  N2    . DG  A 1 6  ? -0.296  1.915   -1.337  1.00 24.00 ? 6   DG  A N2    1 
ATOM   119 N  N3    . DG  A 1 6  ? -0.812  3.758   -2.642  1.00 22.73 ? 6   DG  A N3    1 
ATOM   120 C  C4    . DG  A 1 6  ? -0.329  4.972   -3.011  1.00 24.23 ? 6   DG  A C4    1 
HETATM 121 N  N1    . 5CM A 1 7  ? -3.130  5.252   -0.609  1.00 27.43 ? 7   5CM A N1    1 
HETATM 122 C  C2    . 5CM A 1 7  ? -2.078  4.880   0.373   1.00 24.51 ? 7   5CM A C2    1 
HETATM 123 N  N3    . 5CM A 1 7  ? -1.012  5.846   0.692   1.00 23.50 ? 7   5CM A N3    1 
HETATM 124 C  C4    . 5CM A 1 7  ? -0.989  7.144   0.075   1.00 26.00 ? 7   5CM A C4    1 
HETATM 125 C  C5    . 5CM A 1 7  ? -2.022  7.518   -0.913  1.00 24.76 ? 7   5CM A C5    1 
HETATM 126 C  C5A   . 5CM A 1 7  ? -1.986  8.898   -1.562  1.00 29.94 ? 7   5CM A C5A   1 
HETATM 127 C  C6    . 5CM A 1 7  ? -3.095  6.551   -1.247  1.00 26.27 ? 7   5CM A C6    1 
HETATM 128 O  O2    . 5CM A 1 7  ? -2.073  3.832   0.897   1.00 26.03 ? 7   5CM A O2    1 
HETATM 129 N  N4    . 5CM A 1 7  ? 0.063   8.080   0.412   1.00 28.74 ? 7   5CM A N4    1 
HETATM 130 C  "C1'" . 5CM A 1 7  ? -4.156  4.307   -0.989  1.00 32.31 ? 7   5CM A "C1'" 1 
HETATM 131 C  "C2'" . 5CM A 1 7  ? -5.447  4.393   -0.036  1.00 30.07 ? 7   5CM A "C2'" 1 
HETATM 132 C  "C3'" . 5CM A 1 7  ? -6.463  4.263   -0.818  1.00 36.61 ? 7   5CM A "C3'" 1 
HETATM 133 C  "C4'" . 5CM A 1 7  ? -6.019  4.860   -2.167  1.00 39.26 ? 7   5CM A "C4'" 1 
HETATM 134 O  "O4'" . 5CM A 1 7  ? -4.521  4.553   -2.220  1.00 28.75 ? 7   5CM A "O4'" 1 
HETATM 135 O  "O3'" . 5CM A 1 7  ? -6.875  2.823   -0.923  1.00 34.39 ? 7   5CM A "O3'" 1 
HETATM 136 C  "C5'" . 5CM A 1 7  ? -6.305  6.255   -2.140  1.00 39.09 ? 7   5CM A "C5'" 1 
HETATM 137 O  "O5'" . 5CM A 1 7  ? -5.883  6.957   -3.284  1.00 41.35 ? 7   5CM A "O5'" 1 
HETATM 138 P  P     . 5CM A 1 7  ? -6.341  6.487   -4.801  1.00 44.31 ? 7   5CM A P     1 
HETATM 139 O  OP1   . 5CM A 1 7  ? -7.381  5.398   -4.825  1.00 43.71 ? 7   5CM A OP1   1 
HETATM 140 O  OP2   . 5CM A 1 7  ? -6.753  7.704   -5.586  1.00 41.16 ? 7   5CM A OP2   1 
ATOM   141 P  P     . DC  A 1 8  ? -8.264  2.358   -0.263  1.00 47.20 ? 8   DC  A P     1 
ATOM   142 O  OP1   . DC  A 1 8  ? -8.576  0.976   -0.698  1.00 45.51 ? 8   DC  A OP1   1 
ATOM   143 O  OP2   . DC  A 1 8  ? -9.236  3.456   -0.504  1.00 37.87 ? 8   DC  A OP2   1 
ATOM   144 O  "O5'" . DC  A 1 8  ? -7.943  2.347   1.295   1.00 39.59 ? 8   DC  A "O5'" 1 
ATOM   145 C  "C5'" . DC  A 1 8  ? -6.768  1.720   1.781   1.00 33.99 ? 8   DC  A "C5'" 1 
ATOM   146 C  "C4'" . DC  A 1 8  ? -6.637  1.972   3.265   1.00 32.70 ? 8   DC  A "C4'" 1 
ATOM   147 O  "O4'" . DC  A 1 8  ? -5.611  2.970   3.506   1.00 27.29 ? 8   DC  A "O4'" 1 
ATOM   148 C  "C3'" . DC  A 1 8  ? -7.898  2.535   3.908   1.00 32.91 ? 8   DC  A "C3'" 1 
ATOM   149 O  "O3'" . DC  A 1 8  ? -7.952  2.123   5.246   1.00 34.93 ? 8   DC  A "O3'" 1 
ATOM   150 C  "C2'" . DC  A 1 8  ? -7.667  4.038   3.801   1.00 29.00 ? 8   DC  A "C2'" 1 
ATOM   151 C  "C1'" . DC  A 1 8  ? -6.194  4.099   4.141   1.00 26.59 ? 8   DC  A "C1'" 1 
ATOM   152 N  N1    . DC  A 1 8  ? -5.525  5.325   3.642   1.00 24.47 ? 8   DC  A N1    1 
ATOM   153 C  C2    . DC  A 1 8  ? -4.215  5.592   4.034   1.00 24.37 ? 8   DC  A C2    1 
ATOM   154 O  O2    . DC  A 1 8  ? -3.634  4.791   4.793   1.00 25.89 ? 8   DC  A O2    1 
ATOM   155 N  N3    . DC  A 1 8  ? -3.611  6.712   3.569   1.00 20.12 ? 8   DC  A N3    1 
ATOM   156 C  C4    . DC  A 1 8  ? -4.274  7.539   2.750   1.00 21.57 ? 8   DC  A C4    1 
ATOM   157 N  N4    . DC  A 1 8  ? -3.643  8.638   2.321   1.00 23.85 ? 8   DC  A N4    1 
ATOM   158 C  C5    . DC  A 1 8  ? -5.617  7.284   2.347   1.00 24.59 ? 8   DC  A C5    1 
ATOM   159 C  C6    . DC  A 1 8  ? -6.200  6.173   2.816   1.00 24.54 ? 8   DC  A C6    1 
ATOM   160 P  P     . DG  A 1 9  ? -8.940  0.934   5.685   1.00 37.29 ? 9   DG  A P     1 
ATOM   161 O  OP1   . DG  A 1 9  ? -8.767  -0.160  4.695   1.00 36.50 ? 9   DG  A OP1   1 
ATOM   162 O  OP2   . DG  A 1 9  ? -10.279 1.542   5.906   1.00 34.68 ? 9   DG  A OP2   1 
ATOM   163 O  "O5'" . DG  A 1 9  ? -8.299  0.423   7.059   1.00 31.74 ? 9   DG  A "O5'" 1 
ATOM   164 C  "C5'" . DG  A 1 9  ? -6.951  -0.041  7.079   1.00 24.87 ? 9   DG  A "C5'" 1 
ATOM   165 C  "C4'" . DG  A 1 9  ? -6.171  0.489   8.284   1.00 29.75 ? 9   DG  A "C4'" 1 
ATOM   166 O  "O4'" . DG  A 1 9  ? -5.734  1.867   8.059   1.00 26.10 ? 9   DG  A "O4'" 1 
ATOM   167 C  "C3'" . DG  A 1 9  ? -6.917  0.551   9.603   1.00 29.51 ? 9   DG  A "C3'" 1 
ATOM   168 O  "O3'" . DG  A 1 9  ? -5.958  0.509   10.626  1.00 35.87 ? 9   DG  A "O3'" 1 
ATOM   169 C  "C2'" . DG  A 1 9  ? -7.546  1.948   9.534   1.00 30.00 ? 9   DG  A "C2'" 1 
ATOM   170 C  "C1'" . DG  A 1 9  ? -6.350  2.730   9.010   1.00 27.23 ? 9   DG  A "C1'" 1 
ATOM   171 N  N9    . DG  A 1 9  ? -6.670  3.956   8.295   1.00 25.11 ? 9   DG  A N9    1 
ATOM   172 C  C8    . DG  A 1 9  ? -7.871  4.309   7.723   1.00 25.76 ? 9   DG  A C8    1 
ATOM   173 N  N7    . DG  A 1 9  ? -7.821  5.457   7.086   1.00 25.24 ? 9   DG  A N7    1 
ATOM   174 C  C5    . DG  A 1 9  ? -6.501  5.862   7.230   1.00 22.73 ? 9   DG  A C5    1 
ATOM   175 C  C6    . DG  A 1 9  ? -5.847  7.015   6.746   1.00 20.70 ? 9   DG  A C6    1 
ATOM   176 O  O6    . DG  A 1 9  ? -6.320  7.933   6.085   1.00 23.89 ? 9   DG  A O6    1 
ATOM   177 N  N1    . DG  A 1 9  ? -4.520  7.060   7.131   1.00 23.22 ? 9   DG  A N1    1 
ATOM   178 C  C2    . DG  A 1 9  ? -3.884  6.093   7.865   1.00 21.33 ? 9   DG  A C2    1 
ATOM   179 N  N2    . DG  A 1 9  ? -2.584  6.302   8.122   1.00 20.27 ? 9   DG  A N2    1 
ATOM   180 N  N3    . DG  A 1 9  ? -4.481  4.992   8.321   1.00 25.84 ? 9   DG  A N3    1 
ATOM   181 C  C4    . DG  A 1 9  ? -5.783  4.946   7.962   1.00 23.29 ? 9   DG  A C4    1 
ATOM   182 P  P     . DG  A 1 10 ? -6.114  -0.539  11.824  1.00 36.27 ? 10  DG  A P     1 
ATOM   183 O  OP1   . DG  A 1 10 ? -5.729  -1.876  11.307  1.00 41.23 ? 10  DG  A OP1   1 
ATOM   184 O  OP2   . DG  A 1 10 ? -7.477  -0.295  12.365  1.00 34.71 ? 10  DG  A OP2   1 
ATOM   185 O  "O5'" . DG  A 1 10 ? -4.992  -0.084  12.864  1.00 31.36 ? 10  DG  A "O5'" 1 
ATOM   186 C  "C5'" . DG  A 1 10 ? -3.645  0.004   12.453  1.00 27.04 ? 10  DG  A "C5'" 1 
ATOM   187 C  "C4'" . DG  A 1 10 ? -2.931  1.176   13.115  1.00 30.64 ? 10  DG  A "C4'" 1 
ATOM   188 O  "O4'" . DG  A 1 10 ? -3.361  2.434   12.521  1.00 28.81 ? 10  DG  A "O4'" 1 
ATOM   189 C  "C3'" . DG  A 1 10 ? -3.177  1.336   14.604  1.00 28.49 ? 10  DG  A "C3'" 1 
ATOM   190 O  "O3'" . DG  A 1 10 ? -2.040  1.929   15.201  1.00 32.29 ? 10  DG  A "O3'" 1 
ATOM   191 C  "C2'" . DG  A 1 10 ? -4.373  2.277   14.635  1.00 28.86 ? 10  DG  A "C2'" 1 
ATOM   192 C  "C1'" . DG  A 1 10 ? -4.010  3.231   13.506  1.00 26.16 ? 10  DG  A "C1'" 1 
ATOM   193 N  N9    . DG  A 1 10 ? -5.153  3.851   12.862  1.00 29.73 ? 10  DG  A N9    1 
ATOM   194 C  C8    . DG  A 1 10 ? -6.416  3.340   12.734  1.00 26.43 ? 10  DG  A C8    1 
ATOM   195 N  N7    . DG  A 1 10 ? -7.223  4.110   12.060  1.00 30.27 ? 10  DG  A N7    1 
ATOM   196 C  C5    . DG  A 1 10 ? -6.433  5.185   11.690  1.00 25.91 ? 10  DG  A C5    1 
ATOM   197 C  C6    . DG  A 1 10 ? -6.758  6.331   10.943  1.00 25.96 ? 10  DG  A C6    1 
ATOM   198 O  O6    . DG  A 1 10 ? -7.856  6.633   10.430  1.00 26.70 ? 10  DG  A O6    1 
ATOM   199 N  N1    . DG  A 1 10 ? -5.662  7.177   10.809  1.00 23.87 ? 10  DG  A N1    1 
ATOM   200 C  C2    . DG  A 1 10 ? -4.417  6.944   11.330  1.00 20.62 ? 10  DG  A C2    1 
ATOM   201 N  N2    . DG  A 1 10 ? -3.489  7.882   11.097  1.00 23.72 ? 10  DG  A N2    1 
ATOM   202 N  N3    . DG  A 1 10 ? -4.097  5.866   12.028  1.00 26.99 ? 10  DG  A N3    1 
ATOM   203 C  C4    . DG  A 1 10 ? -5.154  5.040   12.172  1.00 25.01 ? 10  DG  A C4    1 
ATOM   204 O  "O5'" . DC  B 1 1  ? -4.573  14.348  5.802   1.00 22.59 ? 11  DC  B "O5'" 1 
ATOM   205 C  "C5'" . DC  B 1 1  ? -4.377  15.398  6.716   1.00 23.65 ? 11  DC  B "C5'" 1 
ATOM   206 C  "C4'" . DC  B 1 1  ? -3.922  14.862  8.052   1.00 27.57 ? 11  DC  B "C4'" 1 
ATOM   207 O  "O4'" . DC  B 1 1  ? -4.916  13.942  8.557   1.00 20.83 ? 11  DC  B "O4'" 1 
ATOM   208 C  "C3'" . DC  B 1 1  ? -2.614  14.076  8.017   1.00 25.86 ? 11  DC  B "C3'" 1 
ATOM   209 O  "O3'" . DC  B 1 1  ? -1.857  14.396  9.175   1.00 25.52 ? 11  DC  B "O3'" 1 
ATOM   210 C  "C2'" . DC  B 1 1  ? -3.088  12.613  8.029   1.00 23.06 ? 11  DC  B "C2'" 1 
ATOM   211 C  "C1'" . DC  B 1 1  ? -4.297  12.730  8.929   1.00 25.57 ? 11  DC  B "C1'" 1 
ATOM   212 N  N1    . DC  B 1 1  ? -5.303  11.625  8.797   1.00 20.57 ? 11  DC  B N1    1 
ATOM   213 C  C2    . DC  B 1 1  ? -5.089  10.403  9.455   1.00 20.37 ? 11  DC  B C2    1 
ATOM   214 O  O2    . DC  B 1 1  ? -4.054  10.243  10.107  1.00 23.80 ? 11  DC  B O2    1 
ATOM   215 N  N3    . DC  B 1 1  ? -6.022  9.429   9.348   1.00 22.16 ? 11  DC  B N3    1 
ATOM   216 C  C4    . DC  B 1 1  ? -7.124  9.629   8.624   1.00 20.90 ? 11  DC  B C4    1 
ATOM   217 N  N4    . DC  B 1 1  ? -8.019  8.631   8.555   1.00 24.92 ? 11  DC  B N4    1 
ATOM   218 C  C5    . DC  B 1 1  ? -7.365  10.862  7.948   1.00 21.81 ? 11  DC  B C5    1 
ATOM   219 C  C6    . DC  B 1 1  ? -6.436  11.823  8.060   1.00 23.12 ? 11  DC  B C6    1 
ATOM   220 P  P     . DC  B 1 2  ? -0.401  15.045  9.025   1.00 30.92 ? 12  DC  B P     1 
ATOM   221 O  OP1   . DC  B 1 2  ? 0.120   15.252  10.398  1.00 31.01 ? 12  DC  B OP1   1 
ATOM   222 O  OP2   . DC  B 1 2  ? -0.464  16.148  8.051   1.00 29.01 ? 12  DC  B OP2   1 
ATOM   223 O  "O5'" . DC  B 1 2  ? 0.445   13.888  8.329   1.00 25.60 ? 12  DC  B "O5'" 1 
ATOM   224 C  "C5'" . DC  B 1 2  ? 0.978   12.858  9.111   1.00 22.87 ? 12  DC  B "C5'" 1 
ATOM   225 C  "C4'" . DC  B 1 2  ? 1.402   11.687  8.244   1.00 24.79 ? 12  DC  B "C4'" 1 
ATOM   226 O  "O4'" . DC  B 1 2  ? 0.231   10.960  7.815   1.00 24.04 ? 12  DC  B "O4'" 1 
ATOM   227 C  "C3'" . DC  B 1 2  ? 2.155   12.043  6.965   1.00 26.90 ? 12  DC  B "C3'" 1 
ATOM   228 O  "O3'" . DC  B 1 2  ? 3.198   11.104  6.783   1.00 33.55 ? 12  DC  B "O3'" 1 
ATOM   229 C  "C2'" . DC  B 1 2  ? 1.087   11.891  5.879   1.00 24.12 ? 12  DC  B "C2'" 1 
ATOM   230 C  "C1'" . DC  B 1 2  ? 0.317   10.711  6.431   1.00 25.82 ? 12  DC  B "C1'" 1 
ATOM   231 N  N1    . DC  B 1 2  ? -1.073  10.562  5.944   1.00 22.20 ? 12  DC  B N1    1 
ATOM   232 C  C2    . DC  B 1 2  ? -1.789  9.468   6.382   1.00 24.12 ? 12  DC  B C2    1 
ATOM   233 O  O2    . DC  B 1 2  ? -1.218  8.647   7.120   1.00 23.95 ? 12  DC  B O2    1 
ATOM   234 N  N3    . DC  B 1 2  ? -3.075  9.319   5.993   1.00 21.27 ? 12  DC  B N3    1 
ATOM   235 C  C4    . DC  B 1 2  ? -3.637  10.220  5.203   1.00 22.25 ? 12  DC  B C4    1 
ATOM   236 N  N4    . DC  B 1 2  ? -4.914  10.031  4.844   1.00 21.90 ? 12  DC  B N4    1 
ATOM   237 C  C5    . DC  B 1 2  ? -2.916  11.362  4.739   1.00 23.49 ? 12  DC  B C5    1 
ATOM   238 C  C6    . DC  B 1 2  ? -1.649  11.500  5.148   1.00 26.40 ? 12  DC  B C6    1 
ATOM   239 P  P     . DG  B 1 3  ? 4.686   11.443  7.281   1.00 36.29 ? 13  DG  B P     1 
ATOM   240 O  OP1   . DG  B 1 3  ? 4.566   11.964  8.662   1.00 32.61 ? 13  DG  B OP1   1 
ATOM   241 O  OP2   . DG  B 1 3  ? 5.355   12.214  6.212   1.00 37.91 ? 13  DG  B OP2   1 
ATOM   242 O  "O5'" . DG  B 1 3  ? 5.386   10.012  7.378   1.00 35.40 ? 13  DG  B "O5'" 1 
ATOM   243 C  "C5'" . DG  B 1 3  ? 4.991   9.096   8.387   1.00 33.46 ? 13  DG  B "C5'" 1 
ATOM   244 C  "C4'" . DG  B 1 3  ? 4.902   7.685   7.831   1.00 37.36 ? 13  DG  B "C4'" 1 
ATOM   245 O  "O4'" . DG  B 1 3  ? 3.657   7.528   7.106   1.00 38.30 ? 13  DG  B "O4'" 1 
ATOM   246 C  "C3'" . DG  B 1 3  ? 5.999   7.309   6.831   1.00 38.29 ? 13  DG  B "C3'" 1 
ATOM   247 O  "O3'" . DG  B 1 3  ? 6.216   5.920   6.868   1.00 41.17 ? 13  DG  B "O3'" 1 
ATOM   248 C  "C2'" . DG  B 1 3  ? 5.357   7.691   5.509   1.00 34.96 ? 13  DG  B "C2'" 1 
ATOM   249 C  "C1'" . DG  B 1 3  ? 3.943   7.198   5.759   1.00 34.40 ? 13  DG  B "C1'" 1 
ATOM   250 N  N9    . DG  B 1 3  ? 2.952   7.840   4.929   1.00 31.16 ? 13  DG  B N9    1 
ATOM   251 C  C8    . DG  B 1 3  ? 3.103   8.992   4.210   1.00 31.00 ? 13  DG  B C8    1 
ATOM   252 N  N7    . DG  B 1 3  ? 2.026   9.348   3.568   1.00 32.50 ? 13  DG  B N7    1 
ATOM   253 C  C5    . DG  B 1 3  ? 1.095   8.376   3.905   1.00 28.64 ? 13  DG  B C5    1 
ATOM   254 C  C6    . DG  B 1 3  ? -0.249  8.241   3.516   1.00 26.63 ? 13  DG  B C6    1 
ATOM   255 O  O6    . DG  B 1 3  ? -0.904  8.981   2.772   1.00 26.03 ? 13  DG  B O6    1 
ATOM   256 N  N1    . DG  B 1 3  ? -0.842  7.115   4.086   1.00 24.71 ? 13  DG  B N1    1 
ATOM   257 C  C2    . DG  B 1 3  ? -0.201  6.222   4.914   1.00 27.58 ? 13  DG  B C2    1 
ATOM   258 N  N2    . DG  B 1 3  ? -0.935  5.191   5.365   1.00 27.59 ? 13  DG  B N2    1 
ATOM   259 N  N3    . DG  B 1 3  ? 1.066   6.345   5.294   1.00 30.75 ? 13  DG  B N3    1 
ATOM   260 C  C4    . DG  B 1 3  ? 1.649   7.440   4.746   1.00 31.18 ? 13  DG  B C4    1 
ATOM   261 P  P     . DG  B 1 4  ? 7.287   5.269   7.870   1.00 47.84 ? 14  DG  B P     1 
ATOM   262 O  OP1   . DG  B 1 4  ? 6.976   5.700   9.254   1.00 39.46 ? 14  DG  B OP1   1 
ATOM   263 O  OP2   . DG  B 1 4  ? 8.628   5.497   7.292   1.00 39.74 ? 14  DG  B OP2   1 
ATOM   264 O  "O5'" . DG  B 1 4  ? 6.943   3.718   7.793   1.00 37.82 ? 14  DG  B "O5'" 1 
ATOM   265 C  "C5'" . DG  B 1 4  ? 5.765   3.247   8.389   1.00 39.14 ? 14  DG  B "C5'" 1 
ATOM   266 C  "C4'" . DG  B 1 4  ? 5.087   2.239   7.496   1.00 37.42 ? 14  DG  B "C4'" 1 
ATOM   267 O  "O4'" . DG  B 1 4  ? 4.283   2.917   6.498   1.00 37.78 ? 14  DG  B "O4'" 1 
ATOM   268 C  "C3'" . DG  B 1 4  ? 6.029   1.318   6.737   1.00 38.42 ? 14  DG  B "C3'" 1 
ATOM   269 O  "O3'" . DG  B 1 4  ? 5.507   0.005   6.831   1.00 45.17 ? 14  DG  B "O3'" 1 
ATOM   270 C  "C2'" . DG  B 1 4  ? 5.998   1.880   5.303   1.00 37.72 ? 14  DG  B "C2'" 1 
ATOM   271 C  "C1'" . DG  B 1 4  ? 4.584   2.419   5.213   1.00 32.38 ? 14  DG  B "C1'" 1 
ATOM   272 N  N9    . DG  B 1 4  ? 4.400   3.516   4.263   1.00 33.88 ? 14  DG  B N9    1 
ATOM   273 C  C8    . DG  B 1 4  ? 5.303   4.503   3.929   1.00 33.79 ? 14  DG  B C8    1 
ATOM   274 N  N7    . DG  B 1 4  ? 4.823   5.380   3.079   1.00 32.50 ? 14  DG  B N7    1 
ATOM   275 C  C5    . DG  B 1 4  ? 3.517   4.949   2.851   1.00 28.99 ? 14  DG  B C5    1 
ATOM   276 C  C6    . DG  B 1 4  ? 2.505   5.491   2.024   1.00 27.49 ? 14  DG  B C6    1 
ATOM   277 O  O6    . DG  B 1 4  ? 2.552   6.491   1.307   1.00 34.29 ? 14  DG  B O6    1 
ATOM   278 N  N1    . DG  B 1 4  ? 1.332   4.745   2.088   1.00 27.89 ? 14  DG  B N1    1 
ATOM   279 C  C2    . DG  B 1 4  ? 1.155   3.625   2.847   1.00 26.40 ? 14  DG  B C2    1 
ATOM   280 N  N2    . DG  B 1 4  ? -0.046  3.043   2.766   1.00 29.05 ? 14  DG  B N2    1 
ATOM   281 N  N3    . DG  B 1 4  ? 2.086   3.101   3.623   1.00 31.00 ? 14  DG  B N3    1 
ATOM   282 C  C4    . DG  B 1 4  ? 3.244   3.815   3.577   1.00 30.57 ? 14  DG  B C4    1 
ATOM   283 P  P     . DC  B 1 5  ? 6.182   -1.252  6.089   1.00 41.09 ? 15  DC  B P     1 
ATOM   284 O  OP1   . DC  B 1 5  ? 6.468   -2.250  7.142   1.00 41.44 ? 15  DC  B OP1   1 
ATOM   285 O  OP2   . DC  B 1 5  ? 7.267   -0.832  5.178   1.00 39.07 ? 15  DC  B OP2   1 
ATOM   286 O  "O5'" . DC  B 1 5  ? 4.968   -1.785  5.221   1.00 35.71 ? 15  DC  B "O5'" 1 
ATOM   287 C  "C5'" . DC  B 1 5  ? 3.649   -1.438  5.613   1.00 36.71 ? 15  DC  B "C5'" 1 
ATOM   288 C  "C4'" . DC  B 1 5  ? 2.651   -1.884  4.574   1.00 34.62 ? 15  DC  B "C4'" 1 
ATOM   289 O  "O4'" . DC  B 1 5  ? 2.392   -0.804  3.646   1.00 37.56 ? 15  DC  B "O4'" 1 
ATOM   290 C  "C3'" . DC  B 1 5  ? 3.115   -3.051  3.730   1.00 37.84 ? 15  DC  B "C3'" 1 
ATOM   291 O  "O3'" . DC  B 1 5  ? 2.034   -3.874  3.466   1.00 38.36 ? 15  DC  B "O3'" 1 
ATOM   292 C  "C2'" . DC  B 1 5  ? 3.643   -2.384  2.458   1.00 31.75 ? 15  DC  B "C2'" 1 
ATOM   293 C  "C1'" . DC  B 1 5  ? 2.683   -1.217  2.327   1.00 31.33 ? 15  DC  B "C1'" 1 
ATOM   294 N  N1    . DC  B 1 5  ? 3.249   -0.070  1.643   1.00 30.26 ? 15  DC  B N1    1 
ATOM   295 C  C2    . DC  B 1 5  ? 2.430   0.726   0.818   1.00 27.51 ? 15  DC  B C2    1 
ATOM   296 O  O2    . DC  B 1 5  ? 1.236   0.415   0.655   1.00 27.99 ? 15  DC  B O2    1 
ATOM   297 N  N3    . DC  B 1 5  ? 2.971   1.802   0.213   1.00 27.97 ? 15  DC  B N3    1 
ATOM   298 C  C4    . DC  B 1 5  ? 4.251   2.110   0.419   1.00 28.64 ? 15  DC  B C4    1 
ATOM   299 N  N4    . DC  B 1 5  ? 4.736   3.185   -0.197  1.00 29.59 ? 15  DC  B N4    1 
ATOM   300 C  C5    . DC  B 1 5  ? 5.092   1.324   1.264   1.00 27.78 ? 15  DC  B C5    1 
ATOM   301 C  C6    . DC  B 1 5  ? 4.554   0.256   1.853   1.00 29.95 ? 15  DC  B C6    1 
ATOM   302 P  P     . DG  B 1 6  ? 2.302   -5.292  2.790   1.00 41.16 ? 16  DG  B P     1 
ATOM   303 O  OP1   . DG  B 1 6  ? 1.504   -6.229  3.609   1.00 35.12 ? 16  DG  B OP1   1 
ATOM   304 O  OP2   . DG  B 1 6  ? 3.765   -5.429  2.564   1.00 34.47 ? 16  DG  B OP2   1 
ATOM   305 O  "O5'" . DG  B 1 6  ? 1.656   -5.145  1.346   1.00 25.02 ? 16  DG  B "O5'" 1 
ATOM   306 C  "C5'" . DG  B 1 6  ? 0.283   -4.893  1.237   1.00 23.52 ? 16  DG  B "C5'" 1 
ATOM   307 C  "C4'" . DG  B 1 6  ? -0.064  -4.563  -0.190  1.00 21.76 ? 16  DG  B "C4'" 1 
ATOM   308 O  "O4'" . DG  B 1 6  ? 0.615   -3.344  -0.581  1.00 21.41 ? 16  DG  B "O4'" 1 
ATOM   309 C  "C3'" . DG  B 1 6  ? 0.346   -5.630  -1.195  1.00 17.76 ? 16  DG  B "C3'" 1 
ATOM   310 O  "O3'" . DG  B 1 6  ? -0.697  -5.813  -2.139  1.00 19.14 ? 16  DG  B "O3'" 1 
ATOM   311 C  "C2'" . DG  B 1 6  ? 1.604   -5.039  -1.844  1.00 18.48 ? 16  DG  B "C2'" 1 
ATOM   312 C  "C1'" . DG  B 1 6  ? 1.292   -3.556  -1.798  1.00 18.47 ? 16  DG  B "C1'" 1 
ATOM   313 N  N9    . DG  B 1 6  ? 2.465   -2.701  -1.790  1.00 20.30 ? 16  DG  B N9    1 
ATOM   314 C  C8    . DG  B 1 6  ? 3.673   -2.947  -1.178  1.00 21.38 ? 16  DG  B C8    1 
ATOM   315 N  N7    . DG  B 1 6  ? 4.522   -1.969  -1.314  1.00 25.17 ? 16  DG  B N7    1 
ATOM   316 C  C5    . DG  B 1 6  ? 3.820   -1.014  -2.054  1.00 20.21 ? 16  DG  B C5    1 
ATOM   317 C  C6    . DG  B 1 6  ? 4.221   0.262   -2.517  1.00 21.94 ? 16  DG  B C6    1 
ATOM   318 O  O6    . DG  B 1 6  ? 5.311   0.824   -2.361  1.00 25.18 ? 16  DG  B O6    1 
ATOM   319 N  N1    . DG  B 1 6  ? 3.206   0.897   -3.219  1.00 19.43 ? 16  DG  B N1    1 
ATOM   320 C  C2    . DG  B 1 6  ? 1.975   0.367   -3.464  1.00 20.80 ? 16  DG  B C2    1 
ATOM   321 N  N2    . DG  B 1 6  ? 1.127   1.133   -4.165  1.00 22.30 ? 16  DG  B N2    1 
ATOM   322 N  N3    . DG  B 1 6  ? 1.583   -0.822  -3.028  1.00 20.23 ? 16  DG  B N3    1 
ATOM   323 C  C4    . DG  B 1 6  ? 2.558   -1.450  -2.338  1.00 20.50 ? 16  DG  B C4    1 
HETATM 324 N  N1    . 5CM B 1 7  ? -0.155  -11.366 -0.621  1.00 18.44 ? 17  5CM B N1    1 
HETATM 325 C  C2    . 5CM B 1 7  ? -0.112  -12.530 0.300   1.00 20.07 ? 17  5CM B C2    1 
HETATM 326 N  N3    . 5CM B 1 7  ? 0.412   -12.367 1.675   1.00 19.27 ? 17  5CM B N3    1 
HETATM 327 C  C4    . 5CM B 1 7  ? 0.880   -11.080 2.118   1.00 18.30 ? 17  5CM B C4    1 
HETATM 328 C  C5    . 5CM B 1 7  ? 0.829   -9.918  1.209   1.00 19.73 ? 17  5CM B C5    1 
HETATM 329 C  C5A   . 5CM B 1 7  ? 1.329   -8.556  1.663   1.00 24.49 ? 17  5CM B C5A   1 
HETATM 330 C  C6    . 5CM B 1 7  ? 0.316   -10.084 -0.163  1.00 22.94 ? 17  5CM B C6    1 
HETATM 331 O  O2    . 5CM B 1 7  ? -0.504  -13.566 -0.060  1.00 19.57 ? 17  5CM B O2    1 
HETATM 332 N  N4    . 5CM B 1 7  ? 1.393   -10.911 3.451   1.00 21.29 ? 17  5CM B N4    1 
HETATM 333 C  "C1'" . 5CM B 1 7  ? -0.615  -11.490 -1.972  1.00 18.24 ? 17  5CM B "C1'" 1 
HETATM 334 C  "C2'" . 5CM B 1 7  ? -2.179  -11.257 -2.207  1.00 23.43 ? 17  5CM B "C2'" 1 
HETATM 335 C  "C3'" . 5CM B 1 7  ? -2.241  -10.830 -3.431  1.00 21.65 ? 17  5CM B "C3'" 1 
HETATM 336 C  "C4'" . 5CM B 1 7  ? -0.951  -10.033 -3.677  1.00 20.72 ? 17  5CM B "C4'" 1 
HETATM 337 O  "O4'" . 5CM B 1 7  ? 0.014   -10.541 -2.618  1.00 19.23 ? 17  5CM B "O4'" 1 
HETATM 338 O  "O3'" . 5CM B 1 7  ? -2.191  -11.989 -4.382  1.00 19.21 ? 17  5CM B "O3'" 1 
HETATM 339 C  "C5'" . 5CM B 1 7  ? -1.145  -8.636  -3.552  1.00 22.72 ? 17  5CM B "C5'" 1 
HETATM 340 O  "O5'" . 5CM B 1 7  ? -1.288  -8.302  -2.203  1.00 18.84 ? 17  5CM B "O5'" 1 
HETATM 341 P  P     . 5CM B 1 7  ? -1.898  -6.828  -1.818  1.00 22.51 ? 17  5CM B P     1 
HETATM 342 O  OP1   . 5CM B 1 7  ? -3.061  -6.485  -2.705  1.00 22.49 ? 17  5CM B OP1   1 
HETATM 343 O  OP2   . 5CM B 1 7  ? -2.235  -6.731  -0.356  1.00 23.28 ? 17  5CM B OP2   1 
ATOM   344 P  P     . DC  B 1 8  ? -3.354  -12.164 -5.464  1.00 26.58 ? 18  DC  B P     1 
ATOM   345 O  OP1   . DC  B 1 8  ? -2.894  -13.270 -6.341  1.00 24.93 ? 18  DC  B OP1   1 
ATOM   346 O  OP2   . DC  B 1 8  ? -3.790  -10.837 -5.951  1.00 25.81 ? 18  DC  B OP2   1 
ATOM   347 O  "O5'" . DC  B 1 8  ? -4.604  -12.679 -4.614  1.00 24.41 ? 18  DC  B "O5'" 1 
ATOM   348 C  "C5'" . DC  B 1 8  ? -4.661  -14.022 -4.153  1.00 27.47 ? 18  DC  B "C5'" 1 
ATOM   349 C  "C4'" . DC  B 1 8  ? -5.718  -14.144 -3.074  1.00 20.42 ? 18  DC  B "C4'" 1 
ATOM   350 O  "O4'" . DC  B 1 8  ? -5.201  -13.610 -1.832  1.00 23.39 ? 18  DC  B "O4'" 1 
ATOM   351 C  "C3'" . DC  B 1 8  ? -7.008  -13.372 -3.347  1.00 20.96 ? 18  DC  B "C3'" 1 
ATOM   352 O  "O3'" . DC  B 1 8  ? -8.113  -14.108 -2.868  1.00 27.60 ? 18  DC  B "O3'" 1 
ATOM   353 C  "C2'" . DC  B 1 8  ? -6.819  -12.098 -2.529  1.00 24.69 ? 18  DC  B "C2'" 1 
ATOM   354 C  "C1'" . DC  B 1 8  ? -6.113  -12.654 -1.314  1.00 22.39 ? 18  DC  B "C1'" 1 
ATOM   355 N  N1    . DC  B 1 8  ? -5.307  -11.673 -0.571  1.00 20.32 ? 18  DC  B N1    1 
ATOM   356 C  C2    . DC  B 1 8  ? -4.649  -12.085 0.585   1.00 22.30 ? 18  DC  B C2    1 
ATOM   357 O  O2    . DC  B 1 8  ? -4.811  -13.246 0.979   1.00 20.98 ? 18  DC  B O2    1 
ATOM   358 N  N3    . DC  B 1 8  ? -3.863  -11.206 1.251   1.00 18.84 ? 18  DC  B N3    1 
ATOM   359 C  C4    . DC  B 1 8  ? -3.731  -9.957  0.788   1.00 20.74 ? 18  DC  B C4    1 
ATOM   360 N  N4    . DC  B 1 8  ? -2.941  -9.118  1.470   1.00 21.62 ? 18  DC  B N4    1 
ATOM   361 C  C5    . DC  B 1 8  ? -4.407  -9.513  -0.386  1.00 21.36 ? 18  DC  B C5    1 
ATOM   362 C  C6    . DC  B 1 8  ? -5.171  -10.395 -1.036  1.00 21.61 ? 18  DC  B C6    1 
ATOM   363 P  P     . DG  B 1 9  ? -8.839  -15.206 -3.789  1.00 25.66 ? 19  DG  B P     1 
ATOM   364 O  OP1   . DG  B 1 9  ? -7.816  -16.002 -4.478  1.00 25.97 ? 19  DG  B OP1   1 
ATOM   365 O  OP2   . DG  B 1 9  ? -9.918  -14.545 -4.537  1.00 25.40 ? 19  DG  B OP2   1 
ATOM   366 O  "O5'" . DG  B 1 9  ? -9.542  -16.153 -2.722  1.00 24.29 ? 19  DG  B "O5'" 1 
ATOM   367 C  "C5'" . DG  B 1 9  ? -8.774  -17.096 -2.001  1.00 23.46 ? 19  DG  B "C5'" 1 
ATOM   368 C  "C4'" . DG  B 1 9  ? -9.314  -17.279 -0.589  1.00 26.09 ? 19  DG  B "C4'" 1 
ATOM   369 O  "O4'" . DG  B 1 9  ? -8.910  -16.164 0.248   1.00 26.77 ? 19  DG  B "O4'" 1 
ATOM   370 C  "C3'" . DG  B 1 9  ? -10.826 -17.321 -0.464  1.00 28.87 ? 19  DG  B "C3'" 1 
ATOM   371 O  "O3'" . DG  B 1 9  ? -11.155 -18.001 0.709   1.00 29.32 ? 19  DG  B "O3'" 1 
ATOM   372 C  "C2'" . DG  B 1 9  ? -11.169 -15.840 -0.317  1.00 24.60 ? 19  DG  B "C2'" 1 
ATOM   373 C  "C1'" . DG  B 1 9  ? -10.054 -15.402 0.617   1.00 24.18 ? 19  DG  B "C1'" 1 
ATOM   374 N  N9    . DG  B 1 9  ? -9.692  -13.992 0.519   1.00 24.35 ? 19  DG  B N9    1 
ATOM   375 C  C8    . DG  B 1 9  ? -10.047 -13.089 -0.459  1.00 25.14 ? 19  DG  B C8    1 
ATOM   376 N  N7    . DG  B 1 9  ? -9.532  -11.899 -0.271  1.00 25.37 ? 19  DG  B N7    1 
ATOM   377 C  C5    . DG  B 1 9  ? -8.779  -12.039 0.902   1.00 23.89 ? 19  DG  B C5    1 
ATOM   378 C  C6    . DG  B 1 9  ? -7.972  -11.103 1.606   1.00 22.42 ? 19  DG  B C6    1 
ATOM   379 O  O6    . DG  B 1 9  ? -7.759  -9.921  1.350   1.00 20.48 ? 19  DG  B O6    1 
ATOM   380 N  N1    . DG  B 1 9  ? -7.382  -11.672 2.731   1.00 22.23 ? 19  DG  B N1    1 
ATOM   381 C  C2    . DG  B 1 9  ? -7.543  -12.971 3.130   1.00 19.34 ? 19  DG  B C2    1 
ATOM   382 N  N2    . DG  B 1 9  ? -6.912  -13.320 4.252   1.00 19.17 ? 19  DG  B N2    1 
ATOM   383 N  N3    . DG  B 1 9  ? -8.286  -13.860 2.484   1.00 21.25 ? 19  DG  B N3    1 
ATOM   384 C  C4    . DG  B 1 9  ? -8.874  -13.321 1.385   1.00 21.33 ? 19  DG  B C4    1 
ATOM   385 P  P     . DG  B 1 10 ? -11.897 -19.425 0.678   1.00 28.88 ? 20  DG  B P     1 
ATOM   386 O  OP1   . DG  B 1 10 ? -10.960 -20.494 0.280   1.00 30.19 ? 20  DG  B OP1   1 
ATOM   387 O  OP2   . DG  B 1 10 ? -13.184 -19.262 -0.034  1.00 32.67 ? 20  DG  B OP2   1 
ATOM   388 O  "O5'" . DG  B 1 10 ? -12.198 -19.656 2.208   1.00 26.07 ? 20  DG  B "O5'" 1 
ATOM   389 C  "C5'" . DG  B 1 10 ? -11.125 -19.892 3.100   1.00 27.33 ? 20  DG  B "C5'" 1 
ATOM   390 C  "C4'" . DG  B 1 10 ? -11.367 -19.184 4.416   1.00 25.63 ? 20  DG  B "C4'" 1 
ATOM   391 O  "O4'" . DG  B 1 10 ? -11.170 -17.759 4.244   1.00 24.69 ? 20  DG  B "O4'" 1 
ATOM   392 C  "C3'" . DG  B 1 10 ? -12.779 -19.345 4.981   1.00 24.57 ? 20  DG  B "C3'" 1 
ATOM   393 O  "O3'" . DG  B 1 10 ? -12.710 -19.464 6.367   1.00 25.21 ? 20  DG  B "O3'" 1 
ATOM   394 C  "C2'" . DG  B 1 10 ? -13.464 -18.049 4.575   1.00 26.29 ? 20  DG  B "C2'" 1 
ATOM   395 C  "C1'" . DG  B 1 10 ? -12.314 -17.065 4.676   1.00 20.70 ? 20  DG  B "C1'" 1 
ATOM   396 N  N9    . DG  B 1 10 ? -12.477 -15.907 3.822   1.00 22.24 ? 20  DG  B N9    1 
ATOM   397 C  C8    . DG  B 1 10 ? -13.186 -15.837 2.653   1.00 24.20 ? 20  DG  B C8    1 
ATOM   398 N  N7    . DG  B 1 10 ? -13.149 -14.657 2.100   1.00 24.59 ? 20  DG  B N7    1 
ATOM   399 C  C5    . DG  B 1 10 ? -12.356 -13.908 2.956   1.00 24.10 ? 20  DG  B C5    1 
ATOM   400 C  C6    . DG  B 1 10 ? -11.957 -12.558 2.880   1.00 23.34 ? 20  DG  B C6    1 
ATOM   401 O  O6    . DG  B 1 10 ? -12.238 -11.730 2.009   1.00 27.64 ? 20  DG  B O6    1 
ATOM   402 N  N1    . DG  B 1 10 ? -11.149 -12.192 3.956   1.00 21.08 ? 20  DG  B N1    1 
ATOM   403 C  C2    . DG  B 1 10 ? -10.785 -13.034 4.980   1.00 21.58 ? 20  DG  B C2    1 
ATOM   404 N  N2    . DG  B 1 10 ? -9.997  -12.514 5.928   1.00 24.28 ? 20  DG  B N2    1 
ATOM   405 N  N3    . DG  B 1 10 ? -11.155 -14.302 5.066   1.00 19.25 ? 20  DG  B N3    1 
ATOM   406 C  C4    . DG  B 1 10 ? -11.933 -14.670 4.017   1.00 22.10 ? 20  DG  B C4    1 
HETATM 407 CA CA    A CA  C 2 .  ? 8.815   2.356   -13.021 0.60 19.91 ? 101 CA  A CA    1 
HETATM 408 CA CA    B CA  D 2 .  ? 9.873   0.911   -13.896 0.40 25.88 ? 102 CA  A CA    1 
HETATM 409 O  O     . HOH E 3 .  ? -9.049  5.451   0.336   1.00 43.31 ? 201 HOH A O     1 
HETATM 410 O  O     . HOH E 3 .  ? -6.353  3.418   -4.795  1.00 36.94 ? 202 HOH A O     1 
HETATM 411 O  O     . HOH E 3 .  ? -7.674  -1.507  3.171   1.00 34.63 ? 203 HOH A O     1 
HETATM 412 O  O     . HOH E 3 .  ? 10.277  -8.656  -8.417  1.00 27.43 ? 204 HOH A O     1 
HETATM 413 O  O     . HOH E 3 .  ? -4.187  2.614   6.065   1.00 28.90 ? 205 HOH A O     1 
HETATM 414 O  O     . HOH E 3 .  ? 10.188  -2.751  -4.568  1.00 23.54 ? 206 HOH A O     1 
HETATM 415 O  O     . HOH E 3 .  ? 9.107   1.172   -3.115  1.00 29.07 ? 207 HOH A O     1 
HETATM 416 O  O     . HOH E 3 .  ? 10.694  -1.662  -13.448 1.00 23.67 ? 208 HOH A O     1 
HETATM 417 O  O     . HOH E 3 .  ? 2.257   10.805  -11.740 1.00 37.48 ? 209 HOH A O     1 
HETATM 418 O  O     . HOH E 3 .  ? 9.465   0.447   -11.502 1.00 20.78 ? 210 HOH A O     1 
HETATM 419 O  O     . HOH E 3 .  ? 1.935   9.267   -2.380  1.00 37.87 ? 211 HOH A O     1 
HETATM 420 O  O     . HOH E 3 .  ? 4.500   2.121   -11.549 1.00 23.43 ? 212 HOH A O     1 
HETATM 421 O  O     . HOH E 3 .  ? 4.710   7.296   -1.307  1.00 31.10 ? 213 HOH A O     1 
HETATM 422 O  O     . HOH E 3 .  ? 0.255   3.240   -7.500  1.00 28.62 ? 214 HOH A O     1 
HETATM 423 O  O     . HOH E 3 .  ? -8.754  8.407   4.765   1.00 29.40 ? 215 HOH A O     1 
HETATM 424 O  O     . HOH E 3 .  ? 9.611   3.859   -3.427  1.00 33.15 ? 216 HOH A O     1 
HETATM 425 O  O     . HOH E 3 .  ? -10.023 3.656   12.306  1.00 35.23 ? 217 HOH A O     1 
HETATM 426 O  O     . HOH E 3 .  ? 11.880  5.119   -12.297 1.00 28.74 ? 218 HOH A O     1 
HETATM 427 O  O     . HOH E 3 .  ? 12.233  5.131   -4.743  1.00 32.14 ? 219 HOH A O     1 
HETATM 428 O  O     . HOH E 3 .  ? 11.440  -3.720  -15.513 1.00 22.59 ? 220 HOH A O     1 
HETATM 429 O  O     . HOH E 3 .  ? 7.799   2.753   -10.830 1.00 22.53 ? 221 HOH A O     1 
HETATM 430 O  O     . HOH E 3 .  ? 7.179   -10.329 -11.585 1.00 26.53 ? 222 HOH A O     1 
HETATM 431 O  O     . HOH E 3 .  ? 5.647   -8.848  -10.237 1.00 25.12 ? 223 HOH A O     1 
HETATM 432 O  O     . HOH E 3 .  ? 9.108   -4.934  -6.069  1.00 22.94 ? 224 HOH A O     1 
HETATM 433 O  O     . HOH E 3 .  ? 8.060   10.235  -6.490  1.00 36.04 ? 225 HOH A O     1 
HETATM 434 O  O     . HOH E 3 .  ? -7.965  0.672   15.111  1.00 34.99 ? 226 HOH A O     1 
HETATM 435 O  O     . HOH E 3 .  ? -11.141 4.246   5.073   1.00 40.62 ? 227 HOH A O     1 
HETATM 436 O  O     . HOH E 3 .  ? -2.683  3.041   9.647   1.00 28.17 ? 228 HOH A O     1 
HETATM 437 O  O     . HOH E 3 .  ? 4.020   4.055   -10.453 1.00 27.06 ? 229 HOH A O     1 
HETATM 438 O  O     . HOH E 3 .  ? -10.195 -0.352  1.966   1.00 35.13 ? 230 HOH A O     1 
HETATM 439 O  O     . HOH E 3 .  ? -10.154 3.986   -5.050  1.00 33.78 ? 231 HOH A O     1 
HETATM 440 O  O     . HOH E 3 .  ? -0.949  6.152   12.156  1.00 31.55 ? 232 HOH A O     1 
HETATM 441 O  O     . HOH E 3 .  ? 3.000   -9.254  -15.002 1.00 36.29 ? 233 HOH A O     1 
HETATM 442 O  O     . HOH E 3 .  ? -5.705  -2.691  14.773  1.00 36.60 ? 234 HOH A O     1 
HETATM 443 O  O     . HOH E 3 .  ? 0.717   4.078   -9.337  1.00 28.59 ? 235 HOH A O     1 
HETATM 444 O  O     . HOH E 3 .  ? -0.517  3.625   8.673   1.00 34.56 ? 236 HOH A O     1 
HETATM 445 O  O     . HOH E 3 .  ? 8.422   4.536   -12.818 1.00 28.22 ? 237 HOH A O     1 
HETATM 446 O  O     . HOH E 3 .  ? -4.424  0.257   -0.695  1.00 36.21 ? 238 HOH A O     1 
HETATM 447 O  O     . HOH E 3 .  ? -6.416  -1.810  -0.160  1.00 39.10 ? 239 HOH A O     1 
HETATM 448 O  O     . HOH E 3 .  ? 14.891  4.102   -6.574  1.00 29.07 ? 240 HOH A O     1 
HETATM 449 O  O     . HOH E 3 .  ? 15.995  4.112   -8.573  1.00 32.89 ? 241 HOH A O     1 
HETATM 450 O  O     . HOH E 3 .  ? -2.009  1.105   8.588   1.00 29.32 ? 242 HOH A O     1 
HETATM 451 O  O     . HOH E 3 .  ? 9.225   8.856   -13.364 1.00 22.95 ? 243 HOH A O     1 
HETATM 452 O  O     . HOH E 3 .  ? 12.355  0.736   -13.518 1.00 27.42 ? 244 HOH A O     1 
HETATM 453 O  O     . HOH E 3 .  ? 13.535  3.185   -4.557  1.00 32.76 ? 245 HOH A O     1 
HETATM 454 O  O     . HOH E 3 .  ? -9.162  2.987   16.564  1.00 36.10 ? 246 HOH A O     1 
HETATM 455 O  O     . HOH F 3 .  ? 1.553   16.065  11.662  1.00 45.84 ? 101 HOH B O     1 
HETATM 456 O  O     . HOH F 3 .  ? 8.788   5.818   5.121   1.00 40.53 ? 102 HOH B O     1 
HETATM 457 O  O     . HOH F 3 .  ? 3.004   9.507   1.342   1.00 36.85 ? 103 HOH B O     1 
HETATM 458 O  O     . HOH F 3 .  ? 1.260   7.629   7.999   1.00 30.99 ? 104 HOH B O     1 
HETATM 459 O  O     . HOH F 3 .  ? -5.426  -9.583  -4.385  1.00 26.67 ? 105 HOH B O     1 
HETATM 460 O  O     . HOH F 3 .  ? -3.147  -5.079  1.528   1.00 28.91 ? 106 HOH B O     1 
HETATM 461 O  O     . HOH F 3 .  ? -2.117  -8.902  -6.705  1.00 29.64 ? 107 HOH B O     1 
HETATM 462 O  O     . HOH F 3 .  ? -7.202  13.998  5.290   1.00 21.53 ? 108 HOH B O     1 
HETATM 463 O  O     . HOH F 3 .  ? -6.312  -15.698 0.954   1.00 30.87 ? 109 HOH B O     1 
HETATM 464 O  O     . HOH F 3 .  ? -9.873  -15.718 7.020   1.00 24.51 ? 110 HOH B O     1 
HETATM 465 O  O     . HOH F 3 .  ? -3.692  -15.445 -0.242  1.00 29.19 ? 111 HOH B O     1 
HETATM 466 O  O     . HOH F 3 .  ? -1.285  -15.260 -2.087  1.00 27.07 ? 112 HOH B O     1 
HETATM 467 O  O     . HOH F 3 .  ? -1.110  -1.326  -2.705  1.00 25.90 ? 113 HOH B O     1 
HETATM 468 O  O     . HOH F 3 .  ? -10.607 -9.938  -1.894  1.00 36.25 ? 114 HOH B O     1 
HETATM 469 O  O     . HOH F 3 .  ? 2.208   -8.650  4.855   1.00 31.01 ? 115 HOH B O     1 
HETATM 470 O  O     . HOH F 3 .  ? -1.930  11.112  11.750  1.00 23.37 ? 116 HOH B O     1 
HETATM 471 O  O     . HOH F 3 .  ? -0.546  11.206  1.065   1.00 32.21 ? 117 HOH B O     1 
HETATM 472 O  O     . HOH F 3 .  ? 8.016   0.404   -1.559  1.00 37.23 ? 118 HOH B O     1 
HETATM 473 O  O     . HOH F 3 .  ? 0.809   1.542   5.643   1.00 34.10 ? 119 HOH B O     1 
HETATM 474 O  O     . HOH F 3 .  ? 7.479   3.505   0.524   1.00 33.73 ? 120 HOH B O     1 
HETATM 475 O  O     . HOH F 3 .  ? -10.496 9.146   7.183   1.00 39.89 ? 121 HOH B O     1 
HETATM 476 O  O     . HOH F 3 .  ? -10.554 -18.178 7.793   1.00 29.09 ? 122 HOH B O     1 
HETATM 477 O  O     . HOH F 3 .  ? -0.431  9.584   10.265  1.00 28.10 ? 123 HOH B O     1 
HETATM 478 O  O     . HOH F 3 .  ? 6.006   -6.626  4.056   1.00 36.59 ? 124 HOH B O     1 
HETATM 479 O  O     . HOH F 3 .  ? -8.520  -16.567 3.757   1.00 25.48 ? 125 HOH B O     1 
HETATM 480 O  O     . HOH F 3 .  ? -1.609  13.758  12.370  1.00 34.63 ? 126 HOH B O     1 
HETATM 481 O  O     . HOH F 3 .  ? -0.368  2.505   6.629   1.00 35.84 ? 127 HOH B O     1 
HETATM 482 O  O     . HOH F 3 .  ? 7.383   -3.057  -0.807  1.00 33.27 ? 128 HOH B O     1 
HETATM 483 O  O     . HOH F 3 .  ? 2.021   5.512   9.332   1.00 26.79 ? 129 HOH B O     1 
HETATM 484 O  O     . HOH F 3 .  ? -0.202  -14.836 -3.930  1.00 28.75 ? 130 HOH B O     1 
HETATM 485 O  O     . HOH F 3 .  ? -6.173  -16.675 5.103   1.00 36.40 ? 131 HOH B O     1 
HETATM 486 O  O     . HOH F 3 .  ? -7.774  -18.684 2.608   1.00 35.96 ? 132 HOH B O     1 
HETATM 487 O  O     . HOH F 3 .  ? -4.897  -17.165 -1.089  1.00 29.83 ? 133 HOH B O     1 
HETATM 488 O  O     . HOH F 3 .  ? 1.732   0.774   8.122   1.00 34.15 ? 134 HOH B O     1 
HETATM 489 O  O     . HOH F 3 .  ? -1.945  -5.033  4.326   1.00 42.32 ? 135 HOH B O     1 
HETATM 490 O  O     . HOH F 3 .  ? 1.804   3.615   9.532   1.00 41.01 ? 136 HOH B O     1 
HETATM 491 O  O     . HOH F 3 .  ? -2.180  0.569   5.147   1.00 36.30 ? 137 HOH B O     1 
HETATM 492 O  O     . HOH F 3 .  ? -15.834 -21.305 3.073   1.00 28.26 ? 138 HOH B O     1 
HETATM 493 O  O     . HOH F 3 .  ? 0.693   7.488   10.677  1.00 31.92 ? 139 HOH B O     1 
HETATM 494 O  O     . HOH F 3 .  ? -2.643  18.571  10.872  1.00 27.87 ? 140 HOH B O     1 
HETATM 495 O  O     . HOH F 3 .  ? -6.045  -19.645 -0.184  1.00 34.39 ? 141 HOH B O     1 
# 
loop_
_pdbx_poly_seq_scheme.asym_id 
_pdbx_poly_seq_scheme.entity_id 
_pdbx_poly_seq_scheme.seq_id 
_pdbx_poly_seq_scheme.mon_id 
_pdbx_poly_seq_scheme.ndb_seq_num 
_pdbx_poly_seq_scheme.pdb_seq_num 
_pdbx_poly_seq_scheme.auth_seq_num 
_pdbx_poly_seq_scheme.pdb_mon_id 
_pdbx_poly_seq_scheme.auth_mon_id 
_pdbx_poly_seq_scheme.pdb_strand_id 
_pdbx_poly_seq_scheme.pdb_ins_code 
_pdbx_poly_seq_scheme.hetero 
A 1 1  DC  1  1  1  DC  DC  A . n 
A 1 2  DC  2  2  2  DC  DC  A . n 
A 1 3  DG  3  3  3  DG  DG  A . n 
A 1 4  DG  4  4  4  DG  DG  A . n 
A 1 5  DC  5  5  5  DC  DC  A . n 
A 1 6  DG  6  6  6  DG  DG  A . n 
A 1 7  5CM 7  7  7  5CM 5CM A . n 
A 1 8  DC  8  8  8  DC  DC  A . n 
A 1 9  DG  9  9  9  DG  DG  A . n 
A 1 10 DG  10 10 10 DG  DG  A . n 
B 1 1  DC  1  11 11 DC  DC  B . n 
B 1 2  DC  2  12 12 DC  DC  B . n 
B 1 3  DG  3  13 13 DG  DG  B . n 
B 1 4  DG  4  14 14 DG  DG  B . n 
B 1 5  DC  5  15 15 DC  DC  B . n 
B 1 6  DG  6  16 16 DG  DG  B . n 
B 1 7  5CM 7  17 17 5CM 5CM B . n 
B 1 8  DC  8  18 18 DC  DC  B . n 
B 1 9  DG  9  19 19 DG  DG  B . n 
B 1 10 DG  10 20 20 DG  DG  B . n 
# 
loop_
_pdbx_nonpoly_scheme.asym_id 
_pdbx_nonpoly_scheme.entity_id 
_pdbx_nonpoly_scheme.mon_id 
_pdbx_nonpoly_scheme.ndb_seq_num 
_pdbx_nonpoly_scheme.pdb_seq_num 
_pdbx_nonpoly_scheme.auth_seq_num 
_pdbx_nonpoly_scheme.pdb_mon_id 
_pdbx_nonpoly_scheme.auth_mon_id 
_pdbx_nonpoly_scheme.pdb_strand_id 
_pdbx_nonpoly_scheme.pdb_ins_code 
C 2 CA  1  101 1  CA  CA  A . 
D 2 CA  1  102 2  CA  CA  A . 
E 3 HOH 1  201 76 HOH HOH A . 
E 3 HOH 2  202 74 HOH HOH A . 
E 3 HOH 3  203 83 HOH HOH A . 
E 3 HOH 4  204 11 HOH HOH A . 
E 3 HOH 5  205 49 HOH HOH A . 
E 3 HOH 6  206 9  HOH HOH A . 
E 3 HOH 7  207 30 HOH HOH A . 
E 3 HOH 8  208 3  HOH HOH A . 
E 3 HOH 9  209 44 HOH HOH A . 
E 3 HOH 10 210 34 HOH HOH A . 
E 3 HOH 11 211 77 HOH HOH A . 
E 3 HOH 12 212 62 HOH HOH A . 
E 3 HOH 13 213 14 HOH HOH A . 
E 3 HOH 14 214 45 HOH HOH A . 
E 3 HOH 15 215 2  HOH HOH A . 
E 3 HOH 16 216 85 HOH HOH A . 
E 3 HOH 17 217 61 HOH HOH A . 
E 3 HOH 18 218 52 HOH HOH A . 
E 3 HOH 19 219 7  HOH HOH A . 
E 3 HOH 20 220 4  HOH HOH A . 
E 3 HOH 21 221 24 HOH HOH A . 
E 3 HOH 22 222 50 HOH HOH A . 
E 3 HOH 23 223 47 HOH HOH A . 
E 3 HOH 24 224 66 HOH HOH A . 
E 3 HOH 25 225 18 HOH HOH A . 
E 3 HOH 26 226 56 HOH HOH A . 
E 3 HOH 27 227 69 HOH HOH A . 
E 3 HOH 28 228 84 HOH HOH A . 
E 3 HOH 29 229 63 HOH HOH A . 
E 3 HOH 30 230 51 HOH HOH A . 
E 3 HOH 31 231 79 HOH HOH A . 
E 3 HOH 32 232 36 HOH HOH A . 
E 3 HOH 33 233 75 HOH HOH A . 
E 3 HOH 34 234 53 HOH HOH A . 
E 3 HOH 35 235 43 HOH HOH A . 
E 3 HOH 36 236 33 HOH HOH A . 
E 3 HOH 37 237 54 HOH HOH A . 
E 3 HOH 38 238 42 HOH HOH A . 
E 3 HOH 39 239 41 HOH HOH A . 
E 3 HOH 40 240 22 HOH HOH A . 
E 3 HOH 41 241 72 HOH HOH A . 
E 3 HOH 42 242 19 HOH HOH A . 
E 3 HOH 43 243 12 HOH HOH A . 
E 3 HOH 44 244 31 HOH HOH A . 
E 3 HOH 45 245 39 HOH HOH A . 
E 3 HOH 46 246 59 HOH HOH A . 
F 3 HOH 1  101 87 HOH HOH B . 
F 3 HOH 2  102 58 HOH HOH B . 
F 3 HOH 3  103 68 HOH HOH B . 
F 3 HOH 4  104 23 HOH HOH B . 
F 3 HOH 5  105 71 HOH HOH B . 
F 3 HOH 6  106 48 HOH HOH B . 
F 3 HOH 7  107 38 HOH HOH B . 
F 3 HOH 8  108 1  HOH HOH B . 
F 3 HOH 9  109 60 HOH HOH B . 
F 3 HOH 10 110 8  HOH HOH B . 
F 3 HOH 11 111 20 HOH HOH B . 
F 3 HOH 12 112 10 HOH HOH B . 
F 3 HOH 13 113 13 HOH HOH B . 
F 3 HOH 14 114 32 HOH HOH B . 
F 3 HOH 15 115 28 HOH HOH B . 
F 3 HOH 16 116 6  HOH HOH B . 
F 3 HOH 17 117 86 HOH HOH B . 
F 3 HOH 18 118 29 HOH HOH B . 
F 3 HOH 19 119 81 HOH HOH B . 
F 3 HOH 20 120 46 HOH HOH B . 
F 3 HOH 21 121 67 HOH HOH B . 
F 3 HOH 22 122 26 HOH HOH B . 
F 3 HOH 23 123 27 HOH HOH B . 
F 3 HOH 24 124 37 HOH HOH B . 
F 3 HOH 25 125 17 HOH HOH B . 
F 3 HOH 26 126 21 HOH HOH B . 
F 3 HOH 27 127 82 HOH HOH B . 
F 3 HOH 28 128 25 HOH HOH B . 
F 3 HOH 29 129 73 HOH HOH B . 
F 3 HOH 30 130 40 HOH HOH B . 
F 3 HOH 31 131 64 HOH HOH B . 
F 3 HOH 32 132 35 HOH HOH B . 
F 3 HOH 33 133 16 HOH HOH B . 
F 3 HOH 34 134 80 HOH HOH B . 
F 3 HOH 35 135 57 HOH HOH B . 
F 3 HOH 36 136 78 HOH HOH B . 
F 3 HOH 37 137 65 HOH HOH B . 
F 3 HOH 38 138 5  HOH HOH B . 
F 3 HOH 39 139 55 HOH HOH B . 
F 3 HOH 40 140 15 HOH HOH B . 
F 3 HOH 41 141 70 HOH HOH B . 
# 
_pdbx_struct_assembly.id                   1 
_pdbx_struct_assembly.details              author_and_software_defined_assembly 
_pdbx_struct_assembly.method_details       PISA 
_pdbx_struct_assembly.oligomeric_details   tetrameric 
_pdbx_struct_assembly.oligomeric_count     4 
# 
_pdbx_struct_assembly_gen.assembly_id       1 
_pdbx_struct_assembly_gen.oper_expression   1,2 
_pdbx_struct_assembly_gen.asym_id_list      A,B,C,D,E,F 
# 
loop_
_pdbx_struct_assembly_prop.biol_id 
_pdbx_struct_assembly_prop.type 
_pdbx_struct_assembly_prop.value 
_pdbx_struct_assembly_prop.details 
1 'ABSA (A^2)' 5530 ? 
1 MORE         -22  ? 
1 'SSA (A^2)'  6220 ? 
# 
loop_
_pdbx_struct_oper_list.id 
_pdbx_struct_oper_list.type 
_pdbx_struct_oper_list.name 
_pdbx_struct_oper_list.symmetry_operation 
_pdbx_struct_oper_list.matrix[1][1] 
_pdbx_struct_oper_list.matrix[1][2] 
_pdbx_struct_oper_list.matrix[1][3] 
_pdbx_struct_oper_list.vector[1] 
_pdbx_struct_oper_list.matrix[2][1] 
_pdbx_struct_oper_list.matrix[2][2] 
_pdbx_struct_oper_list.matrix[2][3] 
_pdbx_struct_oper_list.vector[2] 
_pdbx_struct_oper_list.matrix[3][1] 
_pdbx_struct_oper_list.matrix[3][2] 
_pdbx_struct_oper_list.matrix[3][3] 
_pdbx_struct_oper_list.vector[3] 
1 'identity operation'         1_555 x,y,z     1.0000000000 0.0000000000 0.0000000000 0.0000000000 0.0000000000 1.0000000000  0.0000000000 0.0000000000   0.0000000000 0.0000000000 1.0000000000  0.0000000000  
2 'crystal symmetry operation' 2_556 -x,y,-z+1 0.0549064976 0.2407168450 0.9690411122 5.9018337512 0.2407168450 -0.9450713408 0.2211234074 -13.2460960659 0.9690411122 0.2211234074 -0.1098351568 -3.1343606376 
# 
loop_
_pdbx_struct_conn_angle.id 
_pdbx_struct_conn_angle.ptnr1_label_atom_id 
_pdbx_struct_conn_angle.ptnr1_label_alt_id 
_pdbx_struct_conn_angle.ptnr1_label_asym_id 
_pdbx_struct_conn_angle.ptnr1_label_comp_id 
_pdbx_struct_conn_angle.ptnr1_label_seq_id 
_pdbx_struct_conn_angle.ptnr1_auth_atom_id 
_pdbx_struct_conn_angle.ptnr1_auth_asym_id 
_pdbx_struct_conn_angle.ptnr1_auth_comp_id 
_pdbx_struct_conn_angle.ptnr1_auth_seq_id 
_pdbx_struct_conn_angle.ptnr1_PDB_ins_code 
_pdbx_struct_conn_angle.ptnr1_symmetry 
_pdbx_struct_conn_angle.ptnr2_label_atom_id 
_pdbx_struct_conn_angle.ptnr2_label_alt_id 
_pdbx_struct_conn_angle.ptnr2_label_asym_id 
_pdbx_struct_conn_angle.ptnr2_label_comp_id 
_pdbx_struct_conn_angle.ptnr2_label_seq_id 
_pdbx_struct_conn_angle.ptnr2_auth_atom_id 
_pdbx_struct_conn_angle.ptnr2_auth_asym_id 
_pdbx_struct_conn_angle.ptnr2_auth_comp_id 
_pdbx_struct_conn_angle.ptnr2_auth_seq_id 
_pdbx_struct_conn_angle.ptnr2_PDB_ins_code 
_pdbx_struct_conn_angle.ptnr2_symmetry 
_pdbx_struct_conn_angle.ptnr3_label_atom_id 
_pdbx_struct_conn_angle.ptnr3_label_alt_id 
_pdbx_struct_conn_angle.ptnr3_label_asym_id 
_pdbx_struct_conn_angle.ptnr3_label_comp_id 
_pdbx_struct_conn_angle.ptnr3_label_seq_id 
_pdbx_struct_conn_angle.ptnr3_auth_atom_id 
_pdbx_struct_conn_angle.ptnr3_auth_asym_id 
_pdbx_struct_conn_angle.ptnr3_auth_comp_id 
_pdbx_struct_conn_angle.ptnr3_auth_seq_id 
_pdbx_struct_conn_angle.ptnr3_PDB_ins_code 
_pdbx_struct_conn_angle.ptnr3_symmetry 
_pdbx_struct_conn_angle.value 
_pdbx_struct_conn_angle.value_esd 
1 O ? E HOH . ? A HOH 210 ? 1_555 CA A C CA . ? A CA 101 ? 1_555 O ? E HOH . ? A HOH 221 ? 1_555 72.0  ? 
2 O ? E HOH . ? A HOH 210 ? 1_555 CA A C CA . ? A CA 101 ? 1_555 O ? E HOH . ? A HOH 237 ? 1_555 137.0 ? 
3 O ? E HOH . ? A HOH 221 ? 1_555 CA A C CA . ? A CA 101 ? 1_555 O ? E HOH . ? A HOH 237 ? 1_555 71.7  ? 
4 O ? E HOH . ? A HOH 210 ? 1_555 CA A C CA . ? A CA 101 ? 1_555 O ? F HOH . ? B HOH 131 ? 2_556 106.1 ? 
5 O ? E HOH . ? A HOH 221 ? 1_555 CA A C CA . ? A CA 101 ? 1_555 O ? F HOH . ? B HOH 131 ? 2_556 74.7  ? 
6 O ? E HOH . ? A HOH 237 ? 1_555 CA A C CA . ? A CA 101 ? 1_555 O ? F HOH . ? B HOH 131 ? 2_556 85.6  ? 
7 O ? E HOH . ? A HOH 208 ? 1_555 CA B D CA . ? A CA 102 ? 1_555 O ? E HOH . ? A HOH 210 ? 1_555 73.4  ? 
8 O ? E HOH . ? A HOH 208 ? 1_555 CA B D CA . ? A CA 102 ? 1_555 O ? E HOH . ? A HOH 244 ? 1_555 67.3  ? 
9 O ? E HOH . ? A HOH 210 ? 1_555 CA B D CA . ? A CA 102 ? 1_555 O ? E HOH . ? A HOH 244 ? 1_555 90.2  ? 
# 
loop_
_pdbx_audit_revision_history.ordinal 
_pdbx_audit_revision_history.data_content_type 
_pdbx_audit_revision_history.major_revision 
_pdbx_audit_revision_history.minor_revision 
_pdbx_audit_revision_history.revision_date 
1 'Structure model' 1 0 2016-09-28 
2 'Structure model' 1 1 2016-10-05 
3 'Structure model' 1 2 2016-10-19 
4 'Structure model' 1 3 2017-02-01 
5 'Structure model' 1 4 2017-09-06 
6 'Structure model' 1 5 2018-03-07 
7 'Structure model' 1 6 2019-12-25 
8 'Structure model' 1 7 2023-09-27 
# 
_pdbx_audit_revision_details.ordinal             1 
_pdbx_audit_revision_details.revision_ordinal    1 
_pdbx_audit_revision_details.data_content_type   'Structure model' 
_pdbx_audit_revision_details.provider            repository 
_pdbx_audit_revision_details.type                'Initial release' 
_pdbx_audit_revision_details.description         ? 
_pdbx_audit_revision_details.details             ? 
# 
loop_
_pdbx_audit_revision_group.ordinal 
_pdbx_audit_revision_group.revision_ordinal 
_pdbx_audit_revision_group.data_content_type 
_pdbx_audit_revision_group.group 
1  2 'Structure model' 'Database references'        
2  3 'Structure model' 'Database references'        
3  4 'Structure model' 'Database references'        
4  5 'Structure model' 'Author supporting evidence' 
5  6 'Structure model' 'Data collection'            
6  7 'Structure model' 'Author supporting evidence' 
7  8 'Structure model' 'Data collection'            
8  8 'Structure model' 'Database references'        
9  8 'Structure model' 'Derived calculations'       
10 8 'Structure model' 'Refinement description'     
# 
loop_
_pdbx_audit_revision_category.ordinal 
_pdbx_audit_revision_category.revision_ordinal 
_pdbx_audit_revision_category.data_content_type 
_pdbx_audit_revision_category.category 
1 5 'Structure model' pdbx_audit_support            
2 6 'Structure model' diffrn_source                 
3 7 'Structure model' pdbx_audit_support            
4 8 'Structure model' chem_comp_atom                
5 8 'Structure model' chem_comp_bond                
6 8 'Structure model' database_2                    
7 8 'Structure model' pdbx_initial_refinement_model 
8 8 'Structure model' pdbx_struct_conn_angle        
9 8 'Structure model' struct_conn                   
# 
loop_
_pdbx_audit_revision_item.ordinal 
_pdbx_audit_revision_item.revision_ordinal 
_pdbx_audit_revision_item.data_content_type 
_pdbx_audit_revision_item.item 
1  5 'Structure model' '_pdbx_audit_support.funding_organization'  
2  6 'Structure model' '_diffrn_source.source'                     
3  7 'Structure model' '_pdbx_audit_support.funding_organization'  
4  8 'Structure model' '_database_2.pdbx_DOI'                      
5  8 'Structure model' '_database_2.pdbx_database_accession'       
6  8 'Structure model' '_pdbx_struct_conn_angle.ptnr1_auth_seq_id' 
7  8 'Structure model' '_pdbx_struct_conn_angle.ptnr3_auth_seq_id' 
8  8 'Structure model' '_pdbx_struct_conn_angle.value'             
9  8 'Structure model' '_struct_conn.pdbx_dist_value'              
10 8 'Structure model' '_struct_conn.pdbx_ptnr1_label_alt_id'      
11 8 'Structure model' '_struct_conn.ptnr1_auth_seq_id'            
12 8 'Structure model' '_struct_conn.ptnr1_label_asym_id'          
13 8 'Structure model' '_struct_conn.ptnr2_auth_asym_id'           
14 8 'Structure model' '_struct_conn.ptnr2_auth_seq_id'            
15 8 'Structure model' '_struct_conn.ptnr2_label_asym_id'          
16 8 'Structure model' '_struct_conn.ptnr2_symmetry'               
# 
loop_
_software.citation_id 
_software.classification 
_software.compiler_name 
_software.compiler_version 
_software.contact_author 
_software.contact_author_email 
_software.date 
_software.description 
_software.dependencies 
_software.hardware 
_software.language 
_software.location 
_software.mods 
_software.name 
_software.os 
_software.os_version 
_software.type 
_software.version 
_software.pdbx_ordinal 
? 'data scaling'    ? ? ? ? ? ? ? ? ? ? ? HKL-2000    ? ? ? .    1 
? refinement        ? ? ? ? ? ? ? ? ? ? ? PHENIX      ? ? ? .    2 
? 'data extraction' ? ? ? ? ? ? ? ? ? ? ? PDB_EXTRACT ? ? ? 3.15 3 
? 'data reduction'  ? ? ? ? ? ? ? ? ? ? ? HKL-2000    ? ? ? .    4 
? phasing           ? ? ? ? ? ? ? ? ? ? ? PHENIX      ? ? ? .    5 
# 
loop_
_pdbx_validate_close_contact.id 
_pdbx_validate_close_contact.PDB_model_num 
_pdbx_validate_close_contact.auth_atom_id_1 
_pdbx_validate_close_contact.auth_asym_id_1 
_pdbx_validate_close_contact.auth_comp_id_1 
_pdbx_validate_close_contact.auth_seq_id_1 
_pdbx_validate_close_contact.PDB_ins_code_1 
_pdbx_validate_close_contact.label_alt_id_1 
_pdbx_validate_close_contact.auth_atom_id_2 
_pdbx_validate_close_contact.auth_asym_id_2 
_pdbx_validate_close_contact.auth_comp_id_2 
_pdbx_validate_close_contact.auth_seq_id_2 
_pdbx_validate_close_contact.PDB_ins_code_2 
_pdbx_validate_close_contact.label_alt_id_2 
_pdbx_validate_close_contact.dist 
1 1 O   B HOH 119 ? ? O B HOH 127 ? ? 1.81 
2 1 O   B HOH 129 ? ? O B HOH 136 ? ? 1.92 
3 1 O   A HOH 207 ? ? O B HOH 118 ? ? 2.05 
4 1 O   A HOH 214 ? ? O A HOH 235 ? ? 2.07 
5 1 OP1 B DC  12  ? ? O B HOH 101 ? ? 2.08 
6 1 OP2 A DC  8   ? ? O A HOH 201 ? ? 2.17 
7 1 O   B HOH 112 ? ? O B HOH 130 ? ? 2.18 
# 
loop_
_pdbx_validate_symm_contact.id 
_pdbx_validate_symm_contact.PDB_model_num 
_pdbx_validate_symm_contact.auth_atom_id_1 
_pdbx_validate_symm_contact.auth_asym_id_1 
_pdbx_validate_symm_contact.auth_comp_id_1 
_pdbx_validate_symm_contact.auth_seq_id_1 
_pdbx_validate_symm_contact.PDB_ins_code_1 
_pdbx_validate_symm_contact.label_alt_id_1 
_pdbx_validate_symm_contact.site_symmetry_1 
_pdbx_validate_symm_contact.auth_atom_id_2 
_pdbx_validate_symm_contact.auth_asym_id_2 
_pdbx_validate_symm_contact.auth_comp_id_2 
_pdbx_validate_symm_contact.auth_seq_id_2 
_pdbx_validate_symm_contact.PDB_ins_code_2 
_pdbx_validate_symm_contact.label_alt_id_2 
_pdbx_validate_symm_contact.site_symmetry_2 
_pdbx_validate_symm_contact.dist 
1 1 O A HOH 206 ? ? 1_555 O B HOH 115 ? ? 2_556 2.04 
2 1 O A HOH 230 ? ? 1_555 O A HOH 234 ? ? 4_556 2.14 
# 
_pdbx_validate_rmsd_bond.id                        1 
_pdbx_validate_rmsd_bond.PDB_model_num             1 
_pdbx_validate_rmsd_bond.auth_atom_id_1            "O3'" 
_pdbx_validate_rmsd_bond.auth_asym_id_1            A 
_pdbx_validate_rmsd_bond.auth_comp_id_1            DC 
_pdbx_validate_rmsd_bond.auth_seq_id_1             5 
_pdbx_validate_rmsd_bond.PDB_ins_code_1            ? 
_pdbx_validate_rmsd_bond.label_alt_id_1            ? 
_pdbx_validate_rmsd_bond.auth_atom_id_2            "C3'" 
_pdbx_validate_rmsd_bond.auth_asym_id_2            A 
_pdbx_validate_rmsd_bond.auth_comp_id_2            DC 
_pdbx_validate_rmsd_bond.auth_seq_id_2             5 
_pdbx_validate_rmsd_bond.PDB_ins_code_2            ? 
_pdbx_validate_rmsd_bond.label_alt_id_2            ? 
_pdbx_validate_rmsd_bond.bond_value                1.382 
_pdbx_validate_rmsd_bond.bond_target_value         1.419 
_pdbx_validate_rmsd_bond.bond_deviation            -0.037 
_pdbx_validate_rmsd_bond.bond_standard_deviation   0.006 
_pdbx_validate_rmsd_bond.linker_flag               N 
# 
loop_
_chem_comp_atom.comp_id 
_chem_comp_atom.atom_id 
_chem_comp_atom.type_symbol 
_chem_comp_atom.pdbx_aromatic_flag 
_chem_comp_atom.pdbx_stereo_config 
_chem_comp_atom.pdbx_ordinal 
5CM N1     N  N N 1   
5CM C2     C  N N 2   
5CM N3     N  N N 3   
5CM C4     C  N N 4   
5CM C5     C  N N 5   
5CM C5A    C  N N 6   
5CM C6     C  N N 7   
5CM O2     O  N N 8   
5CM N4     N  N N 9   
5CM "C1'"  C  N R 10  
5CM "C2'"  C  N N 11  
5CM "C3'"  C  N S 12  
5CM "C4'"  C  N R 13  
5CM "O4'"  O  N N 14  
5CM "O3'"  O  N N 15  
5CM "C5'"  C  N N 16  
5CM "O5'"  O  N N 17  
5CM P      P  N N 18  
5CM OP1    O  N N 19  
5CM OP2    O  N N 20  
5CM OP3    O  N N 21  
5CM H5A1   H  N N 22  
5CM H5A2   H  N N 23  
5CM H5A3   H  N N 24  
5CM H6     H  N N 25  
5CM HN41   H  N N 26  
5CM HN42   H  N N 27  
5CM "H1'"  H  N N 28  
5CM "H2'"  H  N N 29  
5CM "H2''" H  N N 30  
5CM "H3'"  H  N N 31  
5CM "H4'"  H  N N 32  
5CM "HO3'" H  N N 33  
5CM "H5'"  H  N N 34  
5CM "H5''" H  N N 35  
5CM HOP2   H  N N 36  
5CM HOP3   H  N N 37  
CA  CA     CA N N 38  
DC  OP3    O  N N 39  
DC  P      P  N N 40  
DC  OP1    O  N N 41  
DC  OP2    O  N N 42  
DC  "O5'"  O  N N 43  
DC  "C5'"  C  N N 44  
DC  "C4'"  C  N R 45  
DC  "O4'"  O  N N 46  
DC  "C3'"  C  N S 47  
DC  "O3'"  O  N N 48  
DC  "C2'"  C  N N 49  
DC  "C1'"  C  N R 50  
DC  N1     N  N N 51  
DC  C2     C  N N 52  
DC  O2     O  N N 53  
DC  N3     N  N N 54  
DC  C4     C  N N 55  
DC  N4     N  N N 56  
DC  C5     C  N N 57  
DC  C6     C  N N 58  
DC  HOP3   H  N N 59  
DC  HOP2   H  N N 60  
DC  "H5'"  H  N N 61  
DC  "H5''" H  N N 62  
DC  "H4'"  H  N N 63  
DC  "H3'"  H  N N 64  
DC  "HO3'" H  N N 65  
DC  "H2'"  H  N N 66  
DC  "H2''" H  N N 67  
DC  "H1'"  H  N N 68  
DC  H41    H  N N 69  
DC  H42    H  N N 70  
DC  H5     H  N N 71  
DC  H6     H  N N 72  
DG  OP3    O  N N 73  
DG  P      P  N N 74  
DG  OP1    O  N N 75  
DG  OP2    O  N N 76  
DG  "O5'"  O  N N 77  
DG  "C5'"  C  N N 78  
DG  "C4'"  C  N R 79  
DG  "O4'"  O  N N 80  
DG  "C3'"  C  N S 81  
DG  "O3'"  O  N N 82  
DG  "C2'"  C  N N 83  
DG  "C1'"  C  N R 84  
DG  N9     N  Y N 85  
DG  C8     C  Y N 86  
DG  N7     N  Y N 87  
DG  C5     C  Y N 88  
DG  C6     C  N N 89  
DG  O6     O  N N 90  
DG  N1     N  N N 91  
DG  C2     C  N N 92  
DG  N2     N  N N 93  
DG  N3     N  N N 94  
DG  C4     C  Y N 95  
DG  HOP3   H  N N 96  
DG  HOP2   H  N N 97  
DG  "H5'"  H  N N 98  
DG  "H5''" H  N N 99  
DG  "H4'"  H  N N 100 
DG  "H3'"  H  N N 101 
DG  "HO3'" H  N N 102 
DG  "H2'"  H  N N 103 
DG  "H2''" H  N N 104 
DG  "H1'"  H  N N 105 
DG  H8     H  N N 106 
DG  H1     H  N N 107 
DG  H21    H  N N 108 
DG  H22    H  N N 109 
HOH O      O  N N 110 
HOH H1     H  N N 111 
HOH H2     H  N N 112 
# 
loop_
_chem_comp_bond.comp_id 
_chem_comp_bond.atom_id_1 
_chem_comp_bond.atom_id_2 
_chem_comp_bond.value_order 
_chem_comp_bond.pdbx_aromatic_flag 
_chem_comp_bond.pdbx_stereo_config 
_chem_comp_bond.pdbx_ordinal 
5CM N1    C2     sing N N 1   
5CM N1    C6     sing N N 2   
5CM N1    "C1'"  sing N N 3   
5CM C2    N3     sing N N 4   
5CM C2    O2     doub N N 5   
5CM N3    C4     doub N N 6   
5CM C4    C5     sing N N 7   
5CM C4    N4     sing N N 8   
5CM C5    C5A    sing N N 9   
5CM C5    C6     doub N N 10  
5CM C5A   H5A1   sing N N 11  
5CM C5A   H5A2   sing N N 12  
5CM C5A   H5A3   sing N N 13  
5CM C6    H6     sing N N 14  
5CM N4    HN41   sing N N 15  
5CM N4    HN42   sing N N 16  
5CM "C1'" "C2'"  sing N N 17  
5CM "C1'" "O4'"  sing N N 18  
5CM "C1'" "H1'"  sing N N 19  
5CM "C2'" "C3'"  sing N N 20  
5CM "C2'" "H2'"  sing N N 21  
5CM "C2'" "H2''" sing N N 22  
5CM "C3'" "C4'"  sing N N 23  
5CM "C3'" "O3'"  sing N N 24  
5CM "C3'" "H3'"  sing N N 25  
5CM "C4'" "O4'"  sing N N 26  
5CM "C4'" "C5'"  sing N N 27  
5CM "C4'" "H4'"  sing N N 28  
5CM "O3'" "HO3'" sing N N 29  
5CM "C5'" "O5'"  sing N N 30  
5CM "C5'" "H5'"  sing N N 31  
5CM "C5'" "H5''" sing N N 32  
5CM "O5'" P      sing N N 33  
5CM P     OP1    doub N N 34  
5CM P     OP2    sing N N 35  
5CM P     OP3    sing N N 36  
5CM OP2   HOP2   sing N N 37  
5CM OP3   HOP3   sing N N 38  
DC  OP3   P      sing N N 39  
DC  OP3   HOP3   sing N N 40  
DC  P     OP1    doub N N 41  
DC  P     OP2    sing N N 42  
DC  P     "O5'"  sing N N 43  
DC  OP2   HOP2   sing N N 44  
DC  "O5'" "C5'"  sing N N 45  
DC  "C5'" "C4'"  sing N N 46  
DC  "C5'" "H5'"  sing N N 47  
DC  "C5'" "H5''" sing N N 48  
DC  "C4'" "O4'"  sing N N 49  
DC  "C4'" "C3'"  sing N N 50  
DC  "C4'" "H4'"  sing N N 51  
DC  "O4'" "C1'"  sing N N 52  
DC  "C3'" "O3'"  sing N N 53  
DC  "C3'" "C2'"  sing N N 54  
DC  "C3'" "H3'"  sing N N 55  
DC  "O3'" "HO3'" sing N N 56  
DC  "C2'" "C1'"  sing N N 57  
DC  "C2'" "H2'"  sing N N 58  
DC  "C2'" "H2''" sing N N 59  
DC  "C1'" N1     sing N N 60  
DC  "C1'" "H1'"  sing N N 61  
DC  N1    C2     sing N N 62  
DC  N1    C6     sing N N 63  
DC  C2    O2     doub N N 64  
DC  C2    N3     sing N N 65  
DC  N3    C4     doub N N 66  
DC  C4    N4     sing N N 67  
DC  C4    C5     sing N N 68  
DC  N4    H41    sing N N 69  
DC  N4    H42    sing N N 70  
DC  C5    C6     doub N N 71  
DC  C5    H5     sing N N 72  
DC  C6    H6     sing N N 73  
DG  OP3   P      sing N N 74  
DG  OP3   HOP3   sing N N 75  
DG  P     OP1    doub N N 76  
DG  P     OP2    sing N N 77  
DG  P     "O5'"  sing N N 78  
DG  OP2   HOP2   sing N N 79  
DG  "O5'" "C5'"  sing N N 80  
DG  "C5'" "C4'"  sing N N 81  
DG  "C5'" "H5'"  sing N N 82  
DG  "C5'" "H5''" sing N N 83  
DG  "C4'" "O4'"  sing N N 84  
DG  "C4'" "C3'"  sing N N 85  
DG  "C4'" "H4'"  sing N N 86  
DG  "O4'" "C1'"  sing N N 87  
DG  "C3'" "O3'"  sing N N 88  
DG  "C3'" "C2'"  sing N N 89  
DG  "C3'" "H3'"  sing N N 90  
DG  "O3'" "HO3'" sing N N 91  
DG  "C2'" "C1'"  sing N N 92  
DG  "C2'" "H2'"  sing N N 93  
DG  "C2'" "H2''" sing N N 94  
DG  "C1'" N9     sing N N 95  
DG  "C1'" "H1'"  sing N N 96  
DG  N9    C8     sing Y N 97  
DG  N9    C4     sing Y N 98  
DG  C8    N7     doub Y N 99  
DG  C8    H8     sing N N 100 
DG  N7    C5     sing Y N 101 
DG  C5    C6     sing N N 102 
DG  C5    C4     doub Y N 103 
DG  C6    O6     doub N N 104 
DG  C6    N1     sing N N 105 
DG  N1    C2     sing N N 106 
DG  N1    H1     sing N N 107 
DG  C2    N2     sing N N 108 
DG  C2    N3     doub N N 109 
DG  N2    H21    sing N N 110 
DG  N2    H22    sing N N 111 
DG  N3    C4     sing N N 112 
HOH O     H1     sing N N 113 
HOH O     H2     sing N N 114 
# 
_ndb_struct_conf_na.entry_id   5DSA 
_ndb_struct_conf_na.feature    'b-form double helix' 
# 
loop_
_ndb_struct_na_base_pair.model_number 
_ndb_struct_na_base_pair.i_label_asym_id 
_ndb_struct_na_base_pair.i_label_comp_id 
_ndb_struct_na_base_pair.i_label_seq_id 
_ndb_struct_na_base_pair.i_symmetry 
_ndb_struct_na_base_pair.j_label_asym_id 
_ndb_struct_na_base_pair.j_label_comp_id 
_ndb_struct_na_base_pair.j_label_seq_id 
_ndb_struct_na_base_pair.j_symmetry 
_ndb_struct_na_base_pair.shear 
_ndb_struct_na_base_pair.stretch 
_ndb_struct_na_base_pair.stagger 
_ndb_struct_na_base_pair.buckle 
_ndb_struct_na_base_pair.propeller 
_ndb_struct_na_base_pair.opening 
_ndb_struct_na_base_pair.pair_number 
_ndb_struct_na_base_pair.pair_name 
_ndb_struct_na_base_pair.i_auth_asym_id 
_ndb_struct_na_base_pair.i_auth_seq_id 
_ndb_struct_na_base_pair.i_PDB_ins_code 
_ndb_struct_na_base_pair.j_auth_asym_id 
_ndb_struct_na_base_pair.j_auth_seq_id 
_ndb_struct_na_base_pair.j_PDB_ins_code 
_ndb_struct_na_base_pair.hbond_type_28 
_ndb_struct_na_base_pair.hbond_type_12 
1 A DC  5  1_555 B DG 6 1_555 0.242  -0.139 0.346 -5.619  -8.353  -2.227 1 A_DC5:DG16_B  A 5  ? B 16 ? 19 1 
1 A DG  6  1_555 B DC 5 1_555 -0.049 -0.030 0.408 0.141   -14.149 -2.067 2 A_DG6:DC15_B  A 6  ? B 15 ? 19 1 
1 A 5CM 7  1_555 B DG 4 1_555 0.119  -0.046 0.789 -10.436 -14.650 -1.703 3 A_5CM7:DG14_B A 7  ? B 14 ? 19 1 
1 A DC  8  1_555 B DG 3 1_555 0.084  -0.201 0.301 -3.489  -1.031  -2.129 4 A_DC8:DG13_B  A 8  ? B 13 ? 19 1 
1 A DG  9  1_555 B DC 2 1_555 -0.253 -0.177 0.238 0.466   -4.174  -2.820 5 A_DG9:DC12_B  A 9  ? B 12 ? 19 1 
1 A DG  10 1_555 B DC 1 1_555 -0.094 -0.330 0.336 5.336   -12.608 -0.870 6 A_DG10:DC11_B A 10 ? B 11 ? 19 1 
# 
loop_
_ndb_struct_na_base_pair_step.model_number 
_ndb_struct_na_base_pair_step.i_label_asym_id_1 
_ndb_struct_na_base_pair_step.i_label_comp_id_1 
_ndb_struct_na_base_pair_step.i_label_seq_id_1 
_ndb_struct_na_base_pair_step.i_symmetry_1 
_ndb_struct_na_base_pair_step.j_label_asym_id_1 
_ndb_struct_na_base_pair_step.j_label_comp_id_1 
_ndb_struct_na_base_pair_step.j_label_seq_id_1 
_ndb_struct_na_base_pair_step.j_symmetry_1 
_ndb_struct_na_base_pair_step.i_label_asym_id_2 
_ndb_struct_na_base_pair_step.i_label_comp_id_2 
_ndb_struct_na_base_pair_step.i_label_seq_id_2 
_ndb_struct_na_base_pair_step.i_symmetry_2 
_ndb_struct_na_base_pair_step.j_label_asym_id_2 
_ndb_struct_na_base_pair_step.j_label_comp_id_2 
_ndb_struct_na_base_pair_step.j_label_seq_id_2 
_ndb_struct_na_base_pair_step.j_symmetry_2 
_ndb_struct_na_base_pair_step.shift 
_ndb_struct_na_base_pair_step.slide 
_ndb_struct_na_base_pair_step.rise 
_ndb_struct_na_base_pair_step.tilt 
_ndb_struct_na_base_pair_step.roll 
_ndb_struct_na_base_pair_step.twist 
_ndb_struct_na_base_pair_step.x_displacement 
_ndb_struct_na_base_pair_step.y_displacement 
_ndb_struct_na_base_pair_step.helical_rise 
_ndb_struct_na_base_pair_step.inclination 
_ndb_struct_na_base_pair_step.tip 
_ndb_struct_na_base_pair_step.helical_twist 
_ndb_struct_na_base_pair_step.step_number 
_ndb_struct_na_base_pair_step.step_name 
_ndb_struct_na_base_pair_step.i_auth_asym_id_1 
_ndb_struct_na_base_pair_step.i_auth_seq_id_1 
_ndb_struct_na_base_pair_step.i_PDB_ins_code_1 
_ndb_struct_na_base_pair_step.j_auth_asym_id_1 
_ndb_struct_na_base_pair_step.j_auth_seq_id_1 
_ndb_struct_na_base_pair_step.j_PDB_ins_code_1 
_ndb_struct_na_base_pair_step.i_auth_asym_id_2 
_ndb_struct_na_base_pair_step.i_auth_seq_id_2 
_ndb_struct_na_base_pair_step.i_PDB_ins_code_2 
_ndb_struct_na_base_pair_step.j_auth_asym_id_2 
_ndb_struct_na_base_pair_step.j_auth_seq_id_2 
_ndb_struct_na_base_pair_step.j_PDB_ins_code_2 
1 A DC  5 1_555 B DG 6 1_555 A DG  6  1_555 B DC 5 1_555 -0.482 0.844  3.193 -2.123 2.821  35.427 0.975 0.482  3.271 4.621  3.479 
35.597 1 AA_DC5DG6:DC15DG16_BB  A 5 ? B 16 ? A 6  ? B 15 ? 
1 A DG  6 1_555 B DC 5 1_555 A 5CM 7  1_555 B DG 4 1_555 0.431  -0.083 3.702 -3.703 -3.666 35.283 0.463 -1.310 3.630 -6.008 6.068 
35.653 2 AA_DG65CM7:DG14DC15_BB A 6 ? B 15 ? A 7  ? B 14 ? 
1 A 5CM 7 1_555 B DG 4 1_555 A DC  8  1_555 B DG 3 1_555 0.395  1.355  3.404 8.114  2.769  35.885 1.742 0.552  3.499 4.417  
-12.943 36.862 3 AA_5CM7DC8:DG13DG14_BB A 7 ? B 14 ? A 8  ? B 13 ? 
1 A DC  8 1_555 B DG 3 1_555 A DG  9  1_555 B DC 2 1_555 -0.053 2.675  3.284 0.769  -2.978 38.091 4.451 0.175  3.073 -4.554 -1.176 
38.210 4 AA_DC8DG9:DC12DG13_BB  A 8 ? B 13 ? A 9  ? B 12 ? 
1 A DG  9 1_555 B DC 2 1_555 A DG  10 1_555 B DC 1 1_555 -0.267 2.183  3.457 -6.027 3.660  40.725 2.666 -0.329 3.633 5.212  8.582 
41.305 5 AA_DG9DG10:DC11DC12_BB A 9 ? B 12 ? A 10 ? B 11 ? 
# 
_pdbx_audit_support.funding_organization   
'National Institutes of Health/National Institute of General Medical Sciences (NIH/NIGMS)' 
_pdbx_audit_support.country                'United States' 
_pdbx_audit_support.grant_number           1F31GM113580-01 
_pdbx_audit_support.ordinal                1 
# 
loop_
_pdbx_entity_nonpoly.entity_id 
_pdbx_entity_nonpoly.name 
_pdbx_entity_nonpoly.comp_id 
2 'CALCIUM ION' CA  
3 water         HOH 
# 
_pdbx_initial_refinement_model.id               1 
_pdbx_initial_refinement_model.entity_id_list   ? 
_pdbx_initial_refinement_model.type             'experimental model' 
_pdbx_initial_refinement_model.source_name      PDB 
_pdbx_initial_refinement_model.accession_code   1P4Y 
_pdbx_initial_refinement_model.details          ? 
# 
